data_1UDK
#
_entry.id   1UDK
#
_entity_poly.entity_id   1
_entity_poly.type   'polypeptide(L)'
_entity_poly.pdbx_seq_one_letter_code
;NEKSGSCPDMSMPIPPLGICKTLCNSDSGCPNVQKCCKNGCGFMTCTTPVP
;
_entity_poly.pdbx_strand_id   A
#
# COMPACT_ATOMS: atom_id res chain seq x y z
N ASN A 1 -9.51 -10.87 3.60
CA ASN A 1 -8.20 -10.96 2.91
C ASN A 1 -8.39 -11.08 1.39
N GLU A 2 -7.49 -10.46 0.63
CA GLU A 2 -7.56 -10.51 -0.81
C GLU A 2 -8.85 -9.88 -1.32
N LYS A 3 -8.73 -8.69 -1.90
CA LYS A 3 -9.89 -7.97 -2.43
C LYS A 3 -10.13 -8.35 -3.89
N SER A 4 -9.15 -8.07 -4.74
CA SER A 4 -9.25 -8.38 -6.16
C SER A 4 -7.89 -8.81 -6.72
N GLY A 5 -6.86 -8.04 -6.40
CA GLY A 5 -5.53 -8.34 -6.86
C GLY A 5 -4.56 -8.60 -5.72
N SER A 6 -3.38 -8.00 -5.81
CA SER A 6 -2.37 -8.17 -4.78
C SER A 6 -1.48 -6.92 -4.69
N CYS A 7 -0.36 -7.06 -4.00
CA CYS A 7 0.58 -5.95 -3.82
C CYS A 7 1.54 -5.87 -5.00
N PRO A 8 1.83 -4.64 -5.49
CA PRO A 8 2.74 -4.44 -6.61
C PRO A 8 4.20 -4.41 -6.18
N ASP A 9 4.81 -5.59 -6.10
CA ASP A 9 6.21 -5.71 -5.69
C ASP A 9 7.12 -5.03 -6.71
N MET A 10 7.69 -3.89 -6.33
CA MET A 10 8.58 -3.15 -7.21
C MET A 10 9.45 -2.19 -6.41
N SER A 11 8.84 -1.46 -5.48
CA SER A 11 9.57 -0.51 -4.64
C SER A 11 10.22 0.57 -5.50
N MET A 12 9.62 0.85 -6.66
CA MET A 12 10.15 1.86 -7.57
C MET A 12 9.90 3.27 -7.03
N PRO A 13 8.63 3.65 -6.83
CA PRO A 13 8.27 4.97 -6.31
C PRO A 13 8.70 5.17 -4.85
N ILE A 14 9.54 6.19 -4.63
CA ILE A 14 10.02 6.48 -3.29
C ILE A 14 9.79 7.95 -2.94
N PRO A 15 8.78 8.24 -2.10
CA PRO A 15 8.47 9.62 -1.70
C PRO A 15 9.56 10.23 -0.84
N PRO A 16 10.29 11.23 -1.38
CA PRO A 16 11.37 11.90 -0.64
C PRO A 16 10.85 12.86 0.42
N LEU A 17 9.64 13.38 0.20
CA LEU A 17 9.02 14.31 1.14
C LEU A 17 8.91 13.68 2.53
N GLY A 18 8.86 14.52 3.55
CA GLY A 18 8.73 14.03 4.92
C GLY A 18 7.41 13.37 5.17
N ILE A 19 7.32 12.09 4.83
CA ILE A 19 6.09 11.33 5.04
C ILE A 19 6.39 9.96 5.64
N CYS A 20 6.24 9.86 6.95
CA CYS A 20 6.50 8.60 7.66
C CYS A 20 5.39 8.32 8.66
N LYS A 21 4.23 7.93 8.15
CA LYS A 21 3.08 7.62 9.00
C LYS A 21 2.09 6.70 8.28
N THR A 22 1.91 5.50 8.83
CA THR A 22 1.00 4.52 8.25
C THR A 22 -0.42 5.09 8.17
N LEU A 23 -1.36 4.25 7.73
CA LEU A 23 -2.76 4.68 7.61
C LEU A 23 -3.70 3.47 7.56
N CYS A 24 -3.33 2.49 6.73
CA CYS A 24 -4.14 1.28 6.60
C CYS A 24 -3.52 0.10 7.34
N ASN A 25 -4.33 -0.92 7.59
CA ASN A 25 -3.86 -2.11 8.29
C ASN A 25 -3.88 -3.33 7.38
N SER A 26 -4.57 -3.21 6.25
CA SER A 26 -4.68 -4.31 5.29
C SER A 26 -5.55 -3.93 4.11
N ASP A 27 -5.74 -4.87 3.20
CA ASP A 27 -6.56 -4.65 2.02
C ASP A 27 -7.92 -4.07 2.39
N SER A 28 -8.61 -4.75 3.31
CA SER A 28 -9.91 -4.29 3.77
C SER A 28 -9.81 -2.95 4.48
N GLY A 29 -8.60 -2.61 4.92
CA GLY A 29 -8.39 -1.35 5.62
C GLY A 29 -8.38 -0.17 4.66
N CYS A 30 -7.83 -0.38 3.48
CA CYS A 30 -7.76 0.67 2.48
C CYS A 30 -9.12 0.93 1.85
N PRO A 31 -9.39 2.20 1.50
CA PRO A 31 -10.67 2.57 0.90
C PRO A 31 -10.74 2.32 -0.60
N ASN A 32 -11.84 2.72 -1.20
CA ASN A 32 -12.06 2.57 -2.64
C ASN A 32 -11.76 1.14 -3.10
N VAL A 33 -10.50 0.90 -3.48
CA VAL A 33 -10.08 -0.42 -3.94
C VAL A 33 -8.56 -0.54 -3.91
N GLN A 34 -7.94 0.22 -3.02
CA GLN A 34 -6.49 0.22 -2.88
C GLN A 34 -6.03 -0.86 -1.91
N LYS A 35 -4.88 -1.47 -2.21
CA LYS A 35 -4.32 -2.51 -1.38
C LYS A 35 -3.41 -1.90 -0.33
N CYS A 36 -3.29 -2.54 0.81
CA CYS A 36 -2.44 -2.03 1.89
C CYS A 36 -1.11 -2.76 1.90
N CYS A 37 -0.07 -2.08 1.42
CA CYS A 37 1.27 -2.65 1.37
C CYS A 37 2.29 -1.67 1.95
N LYS A 38 3.56 -2.05 1.86
CA LYS A 38 4.65 -1.21 2.37
C LYS A 38 5.51 -0.70 1.22
N ASN A 39 5.18 0.49 0.73
CA ASN A 39 5.93 1.09 -0.37
C ASN A 39 6.13 2.59 -0.13
N GLY A 40 6.78 2.92 0.98
CA GLY A 40 7.02 4.32 1.30
C GLY A 40 8.09 4.50 2.36
N CYS A 41 7.67 4.90 3.56
CA CYS A 41 8.61 5.11 4.66
C CYS A 41 8.62 3.91 5.60
N GLY A 42 8.26 2.74 5.07
CA GLY A 42 8.25 1.53 5.88
C GLY A 42 6.96 1.37 6.66
N PHE A 43 5.89 1.96 6.16
CA PHE A 43 4.59 1.87 6.82
C PHE A 43 3.57 1.13 5.94
N MET A 44 2.33 1.05 6.43
CA MET A 44 1.28 0.39 5.68
C MET A 44 0.34 1.42 5.05
N THR A 45 0.59 1.75 3.79
CA THR A 45 -0.23 2.71 3.08
C THR A 45 -1.01 2.06 1.95
N CYS A 46 -1.83 2.84 1.27
CA CYS A 46 -2.63 2.33 0.16
C CYS A 46 -1.89 2.46 -1.16
N THR A 47 -2.06 1.47 -2.01
CA THR A 47 -1.41 1.45 -3.32
C THR A 47 -2.36 0.91 -4.39
N THR A 48 -1.90 0.90 -5.63
CA THR A 48 -2.70 0.41 -6.74
C THR A 48 -2.70 -1.12 -6.78
N PRO A 49 -3.88 -1.75 -6.94
CA PRO A 49 -3.99 -3.21 -7.00
C PRO A 49 -3.41 -3.79 -8.28
N VAL A 50 -2.57 -4.81 -8.14
CA VAL A 50 -1.95 -5.45 -9.30
C VAL A 50 -2.56 -6.84 -9.55
N PRO A 51 -2.84 -7.17 -10.82
CA PRO A 51 -3.43 -8.46 -11.18
C PRO A 51 -2.44 -9.61 -11.01
N ASN A 1 -10.30 -12.60 2.88
CA ASN A 1 -8.97 -11.99 2.66
C ASN A 1 -8.78 -11.57 1.21
N GLU A 2 -7.89 -10.61 0.98
CA GLU A 2 -7.61 -10.12 -0.36
C GLU A 2 -8.87 -9.51 -0.98
N LYS A 3 -8.67 -8.51 -1.85
CA LYS A 3 -9.79 -7.85 -2.50
C LYS A 3 -9.94 -8.33 -3.95
N SER A 4 -8.85 -8.25 -4.70
CA SER A 4 -8.86 -8.68 -6.10
C SER A 4 -7.47 -9.13 -6.55
N GLY A 5 -6.56 -8.18 -6.68
CA GLY A 5 -5.21 -8.49 -7.11
C GLY A 5 -4.27 -8.74 -5.94
N SER A 6 -3.10 -8.12 -6.00
CA SER A 6 -2.10 -8.28 -4.94
C SER A 6 -1.25 -7.02 -4.83
N CYS A 7 -0.13 -7.13 -4.13
CA CYS A 7 0.78 -6.01 -3.95
C CYS A 7 1.72 -5.85 -5.15
N PRO A 8 1.83 -4.63 -5.70
CA PRO A 8 2.69 -4.36 -6.85
C PRO A 8 4.16 -4.55 -6.54
N ASP A 9 4.94 -4.96 -7.54
CA ASP A 9 6.37 -5.18 -7.36
C ASP A 9 6.65 -6.14 -6.20
N MET A 10 7.93 -6.34 -5.91
CA MET A 10 8.32 -7.23 -4.83
C MET A 10 9.51 -6.65 -4.05
N SER A 11 10.67 -6.58 -4.71
CA SER A 11 11.88 -6.06 -4.10
C SER A 11 11.61 -4.77 -3.33
N MET A 12 12.57 -4.34 -2.53
CA MET A 12 12.43 -3.12 -1.75
C MET A 12 13.66 -2.21 -1.92
N PRO A 13 13.80 -1.61 -3.11
CA PRO A 13 14.93 -0.71 -3.41
C PRO A 13 15.02 0.46 -2.44
N ILE A 14 13.92 0.75 -1.76
CA ILE A 14 13.88 1.84 -0.80
C ILE A 14 14.69 1.53 0.45
N PRO A 15 15.54 2.46 0.90
CA PRO A 15 16.38 2.25 2.09
C PRO A 15 15.60 2.43 3.39
N PRO A 16 15.96 1.67 4.43
CA PRO A 16 15.28 1.74 5.74
C PRO A 16 15.27 3.16 6.30
N LEU A 17 16.28 3.94 5.94
CA LEU A 17 16.40 5.31 6.41
C LEU A 17 15.34 6.21 5.75
N GLY A 18 14.11 6.11 6.22
CA GLY A 18 13.03 6.91 5.65
C GLY A 18 11.69 6.21 5.71
N ILE A 19 10.87 6.61 6.68
CA ILE A 19 9.54 6.03 6.84
C ILE A 19 8.57 7.03 7.46
N CYS A 20 7.66 7.53 6.64
CA CYS A 20 6.67 8.51 7.10
C CYS A 20 5.86 7.96 8.27
N LYS A 21 4.86 7.12 7.96
CA LYS A 21 4.01 6.53 8.99
C LYS A 21 2.96 5.63 8.36
N THR A 22 2.26 4.87 9.20
CA THR A 22 1.22 3.96 8.73
C THR A 22 -0.08 4.70 8.47
N LEU A 23 -1.08 3.98 7.96
CA LEU A 23 -2.37 4.56 7.65
C LEU A 23 -3.45 3.47 7.59
N CYS A 24 -3.18 2.43 6.82
CA CYS A 24 -4.11 1.32 6.67
C CYS A 24 -3.62 0.09 7.43
N ASN A 25 -4.55 -0.80 7.77
CA ASN A 25 -4.22 -2.02 8.49
C ASN A 25 -4.19 -3.21 7.56
N SER A 26 -4.87 -3.09 6.42
CA SER A 26 -4.93 -4.16 5.44
C SER A 26 -5.83 -3.77 4.26
N ASP A 27 -5.96 -4.67 3.31
CA ASP A 27 -6.79 -4.43 2.13
C ASP A 27 -8.18 -3.95 2.53
N SER A 28 -8.71 -4.52 3.61
CA SER A 28 -10.02 -4.14 4.10
C SER A 28 -9.99 -2.75 4.72
N GLY A 29 -8.80 -2.30 5.10
CA GLY A 29 -8.65 -0.98 5.69
C GLY A 29 -8.59 0.11 4.65
N CYS A 30 -8.06 -0.23 3.48
CA CYS A 30 -7.93 0.73 2.39
C CYS A 30 -9.27 0.95 1.69
N PRO A 31 -9.52 2.18 1.23
CA PRO A 31 -10.77 2.51 0.56
C PRO A 31 -10.79 2.13 -0.91
N ASN A 32 -11.90 2.44 -1.58
CA ASN A 32 -12.09 2.14 -3.00
C ASN A 32 -11.70 0.70 -3.31
N VAL A 33 -10.44 0.49 -3.68
CA VAL A 33 -9.94 -0.84 -4.01
C VAL A 33 -8.42 -0.89 -3.92
N GLN A 34 -7.86 0.02 -3.13
CA GLN A 34 -6.43 0.09 -2.95
C GLN A 34 -5.93 -0.93 -1.94
N LYS A 35 -4.79 -1.54 -2.22
CA LYS A 35 -4.21 -2.54 -1.35
C LYS A 35 -3.30 -1.88 -0.33
N CYS A 36 -3.17 -2.48 0.83
CA CYS A 36 -2.33 -1.94 1.89
C CYS A 36 -0.98 -2.66 1.93
N CYS A 37 0.03 -2.04 1.32
CA CYS A 37 1.36 -2.62 1.28
C CYS A 37 2.40 -1.66 1.84
N LYS A 38 3.67 -2.05 1.74
CA LYS A 38 4.76 -1.23 2.22
C LYS A 38 5.47 -0.52 1.06
N ASN A 39 5.23 0.77 0.94
CA ASN A 39 5.84 1.57 -0.14
C ASN A 39 5.46 3.04 0.00
N GLY A 40 6.01 3.86 -0.89
CA GLY A 40 5.72 5.28 -0.86
C GLY A 40 6.50 6.02 0.21
N CYS A 41 6.29 5.63 1.46
CA CYS A 41 6.99 6.25 2.58
C CYS A 41 6.87 5.40 3.84
N GLY A 42 5.65 5.30 4.36
CA GLY A 42 5.43 4.50 5.56
C GLY A 42 5.61 3.02 5.31
N PHE A 43 4.99 2.20 6.15
CA PHE A 43 5.08 0.75 6.01
C PHE A 43 3.71 0.11 5.76
N MET A 44 2.65 0.91 5.93
CA MET A 44 1.30 0.42 5.72
C MET A 44 0.43 1.48 5.04
N THR A 45 0.65 1.69 3.75
CA THR A 45 -0.10 2.68 3.00
C THR A 45 -0.92 2.02 1.90
N CYS A 46 -1.84 2.78 1.31
CA CYS A 46 -2.69 2.25 0.24
C CYS A 46 -2.10 2.57 -1.13
N THR A 47 -2.17 1.60 -2.02
CA THR A 47 -1.66 1.76 -3.38
C THR A 47 -2.60 1.10 -4.39
N THR A 48 -2.22 1.18 -5.67
CA THR A 48 -3.02 0.59 -6.73
C THR A 48 -2.86 -0.93 -6.76
N PRO A 49 -3.98 -1.67 -6.89
CA PRO A 49 -3.94 -3.14 -6.92
C PRO A 49 -3.39 -3.68 -8.24
N VAL A 50 -2.57 -4.72 -8.14
CA VAL A 50 -1.97 -5.34 -9.32
C VAL A 50 -2.56 -6.72 -9.58
N PRO A 51 -3.24 -6.90 -10.73
CA PRO A 51 -3.85 -8.19 -11.07
C PRO A 51 -2.86 -9.35 -10.98
N ASN A 1 -9.27 -10.15 3.79
CA ASN A 1 -7.94 -10.46 3.21
C ASN A 1 -8.03 -10.60 1.69
N GLU A 2 -7.22 -9.82 0.98
CA GLU A 2 -7.20 -9.86 -0.48
C GLU A 2 -8.55 -9.46 -1.05
N LYS A 3 -8.57 -8.37 -1.80
CA LYS A 3 -9.80 -7.88 -2.42
C LYS A 3 -10.01 -8.49 -3.80
N SER A 4 -9.02 -8.32 -4.67
CA SER A 4 -9.09 -8.85 -6.03
C SER A 4 -7.70 -9.23 -6.54
N GLY A 5 -6.82 -8.24 -6.62
CA GLY A 5 -5.47 -8.48 -7.09
C GLY A 5 -4.50 -8.75 -5.96
N SER A 6 -3.35 -8.10 -6.02
CA SER A 6 -2.33 -8.26 -4.99
C SER A 6 -1.51 -6.99 -4.84
N CYS A 7 -0.38 -7.10 -4.15
CA CYS A 7 0.51 -5.98 -3.92
C CYS A 7 1.53 -5.85 -5.06
N PRO A 8 1.83 -4.60 -5.49
CA PRO A 8 2.77 -4.36 -6.57
C PRO A 8 4.16 -4.89 -6.27
N ASP A 9 5.16 -4.42 -7.01
CA ASP A 9 6.54 -4.85 -6.81
C ASP A 9 7.49 -4.12 -7.75
N MET A 10 7.44 -2.80 -7.72
CA MET A 10 8.30 -1.98 -8.58
C MET A 10 8.71 -0.70 -7.87
N SER A 11 7.77 0.23 -7.72
CA SER A 11 8.02 1.50 -7.06
C SER A 11 8.87 1.34 -5.81
N MET A 12 9.99 2.05 -5.75
CA MET A 12 10.88 1.99 -4.61
C MET A 12 11.41 3.37 -4.24
N PRO A 13 10.52 4.27 -3.80
CA PRO A 13 10.90 5.64 -3.42
C PRO A 13 11.68 5.68 -2.11
N ILE A 14 12.61 6.63 -2.02
CA ILE A 14 13.44 6.78 -0.82
C ILE A 14 13.54 8.24 -0.41
N PRO A 15 12.39 8.95 -0.29
CA PRO A 15 12.36 10.35 0.11
C PRO A 15 12.58 10.55 1.61
N PRO A 16 13.70 11.19 2.00
CA PRO A 16 14.03 11.42 3.41
C PRO A 16 13.33 12.67 3.97
N LEU A 17 12.05 12.82 3.65
CA LEU A 17 11.28 13.96 4.11
C LEU A 17 10.39 13.57 5.29
N GLY A 18 9.64 12.49 5.13
CA GLY A 18 8.76 12.04 6.20
C GLY A 18 7.47 11.46 5.66
N ILE A 19 7.58 10.65 4.64
CA ILE A 19 6.43 10.01 4.02
C ILE A 19 6.02 8.74 4.76
N CYS A 20 6.69 8.45 5.87
CA CYS A 20 6.39 7.27 6.66
C CYS A 20 5.20 7.52 7.58
N LYS A 21 4.00 7.33 7.05
CA LYS A 21 2.78 7.55 7.82
C LYS A 21 1.75 6.46 7.53
N THR A 22 1.77 5.40 8.33
CA THR A 22 0.83 4.29 8.16
C THR A 22 -0.60 4.78 8.31
N LEU A 23 -1.45 4.41 7.34
CA LEU A 23 -2.85 4.81 7.36
C LEU A 23 -3.78 3.60 7.34
N CYS A 24 -3.36 2.54 6.66
CA CYS A 24 -4.17 1.32 6.56
C CYS A 24 -3.54 0.18 7.34
N ASN A 25 -4.34 -0.85 7.59
CA ASN A 25 -3.87 -2.02 8.33
C ASN A 25 -3.92 -3.28 7.46
N SER A 26 -4.61 -3.18 6.31
CA SER A 26 -4.73 -4.29 5.39
C SER A 26 -5.62 -3.92 4.21
N ASP A 27 -5.78 -4.85 3.29
CA ASP A 27 -6.60 -4.62 2.10
C ASP A 27 -7.99 -4.10 2.48
N SER A 28 -8.58 -4.71 3.50
CA SER A 28 -9.89 -4.30 3.97
C SER A 28 -9.83 -2.92 4.63
N GLY A 29 -8.63 -2.51 5.03
CA GLY A 29 -8.46 -1.22 5.66
C GLY A 29 -8.39 -0.10 4.66
N CYS A 30 -7.87 -0.39 3.47
CA CYS A 30 -7.75 0.60 2.42
C CYS A 30 -9.10 0.91 1.79
N PRO A 31 -9.31 2.18 1.40
CA PRO A 31 -10.57 2.60 0.80
C PRO A 31 -10.65 2.30 -0.69
N ASN A 32 -11.77 2.70 -1.30
CA ASN A 32 -12.00 2.50 -2.73
C ASN A 32 -11.68 1.06 -3.15
N VAL A 33 -10.43 0.82 -3.55
CA VAL A 33 -10.00 -0.51 -3.97
C VAL A 33 -8.48 -0.60 -3.93
N GLN A 34 -7.87 0.19 -3.06
CA GLN A 34 -6.42 0.19 -2.91
C GLN A 34 -5.96 -0.91 -1.96
N LYS A 35 -4.81 -1.49 -2.27
CA LYS A 35 -4.25 -2.54 -1.46
C LYS A 35 -3.36 -1.96 -0.37
N CYS A 36 -3.31 -2.60 0.77
CA CYS A 36 -2.50 -2.12 1.87
C CYS A 36 -1.18 -2.88 1.94
N CYS A 37 -0.11 -2.24 1.47
CA CYS A 37 1.22 -2.85 1.46
C CYS A 37 2.23 -1.97 2.17
N LYS A 38 3.49 -2.38 2.12
CA LYS A 38 4.57 -1.63 2.77
C LYS A 38 5.56 -1.14 1.74
N ASN A 39 5.69 0.19 1.63
CA ASN A 39 6.61 0.80 0.68
C ASN A 39 8.04 0.34 0.93
N GLY A 40 8.57 0.72 2.09
CA GLY A 40 9.93 0.35 2.43
C GLY A 40 10.37 0.91 3.77
N CYS A 41 9.91 2.13 4.07
CA CYS A 41 10.27 2.78 5.33
C CYS A 41 9.83 1.95 6.52
N GLY A 42 8.62 1.42 6.45
CA GLY A 42 8.10 0.60 7.54
C GLY A 42 6.74 1.06 8.01
N PHE A 43 5.83 1.29 7.06
CA PHE A 43 4.49 1.74 7.39
C PHE A 43 3.47 1.15 6.42
N MET A 44 2.24 0.98 6.89
CA MET A 44 1.17 0.42 6.05
C MET A 44 0.42 1.53 5.32
N THR A 45 0.58 1.57 4.00
CA THR A 45 -0.08 2.57 3.17
C THR A 45 -0.89 1.91 2.06
N CYS A 46 -1.71 2.71 1.37
CA CYS A 46 -2.53 2.20 0.28
C CYS A 46 -1.87 2.42 -1.06
N THR A 47 -2.05 1.47 -1.96
CA THR A 47 -1.47 1.54 -3.30
C THR A 47 -2.45 1.02 -4.34
N THR A 48 -2.01 0.98 -5.59
CA THR A 48 -2.85 0.50 -6.68
C THR A 48 -2.83 -1.02 -6.75
N PRO A 49 -4.00 -1.66 -6.96
CA PRO A 49 -4.10 -3.12 -7.04
C PRO A 49 -3.48 -3.67 -8.33
N VAL A 50 -2.69 -4.73 -8.17
CA VAL A 50 -2.03 -5.35 -9.32
C VAL A 50 -2.71 -6.67 -9.70
N PRO A 51 -2.96 -6.90 -11.00
CA PRO A 51 -3.61 -8.12 -11.48
C PRO A 51 -2.69 -9.33 -11.41
N ASN A 1 -9.73 -10.13 4.09
CA ASN A 1 -8.53 -10.80 3.54
C ASN A 1 -8.61 -10.94 2.03
N GLU A 2 -7.70 -10.28 1.32
CA GLU A 2 -7.67 -10.32 -0.13
C GLU A 2 -8.93 -9.70 -0.72
N LYS A 3 -8.75 -8.74 -1.62
CA LYS A 3 -9.87 -8.06 -2.26
C LYS A 3 -10.05 -8.55 -3.69
N SER A 4 -9.08 -8.25 -4.54
CA SER A 4 -9.12 -8.66 -5.94
C SER A 4 -7.74 -9.08 -6.43
N GLY A 5 -6.82 -8.12 -6.48
CA GLY A 5 -5.47 -8.41 -6.92
C GLY A 5 -4.51 -8.62 -5.77
N SER A 6 -3.35 -7.99 -5.86
CA SER A 6 -2.34 -8.11 -4.82
C SER A 6 -1.49 -6.83 -4.75
N CYS A 7 -0.38 -6.91 -4.05
CA CYS A 7 0.53 -5.78 -3.89
C CYS A 7 1.26 -5.48 -5.20
N PRO A 8 1.38 -4.20 -5.57
CA PRO A 8 2.06 -3.80 -6.81
C PRO A 8 3.57 -4.01 -6.73
N ASP A 9 4.17 -4.39 -7.86
CA ASP A 9 5.61 -4.63 -7.92
C ASP A 9 6.30 -3.57 -8.76
N MET A 10 7.62 -3.68 -8.88
CA MET A 10 8.41 -2.73 -9.66
C MET A 10 8.34 -1.33 -9.06
N SER A 11 7.89 -1.24 -7.81
CA SER A 11 7.79 0.05 -7.13
C SER A 11 9.08 0.84 -7.22
N MET A 12 9.08 2.04 -6.65
CA MET A 12 10.25 2.90 -6.66
C MET A 12 10.67 3.26 -5.23
N PRO A 13 11.99 3.35 -4.98
CA PRO A 13 12.51 3.69 -3.65
C PRO A 13 12.20 5.13 -3.25
N ILE A 14 11.24 5.29 -2.34
CA ILE A 14 10.84 6.61 -1.88
C ILE A 14 11.49 6.94 -0.53
N PRO A 15 12.00 8.19 -0.38
CA PRO A 15 12.65 8.61 0.86
C PRO A 15 11.66 8.80 2.01
N PRO A 16 12.08 8.51 3.25
CA PRO A 16 11.22 8.64 4.43
C PRO A 16 10.60 10.04 4.54
N LEU A 17 11.29 11.03 3.99
CA LEU A 17 10.81 12.40 4.02
C LEU A 17 9.88 12.70 2.85
N GLY A 18 8.71 13.23 3.15
CA GLY A 18 7.74 13.55 2.12
C GLY A 18 6.56 12.60 2.11
N ILE A 19 6.83 11.34 2.40
CA ILE A 19 5.78 10.33 2.43
C ILE A 19 6.16 9.17 3.34
N CYS A 20 5.52 9.10 4.50
CA CYS A 20 5.79 8.03 5.46
C CYS A 20 4.79 8.07 6.61
N LYS A 21 3.78 7.21 6.55
CA LYS A 21 2.76 7.15 7.59
C LYS A 21 1.77 6.03 7.32
N THR A 22 1.66 5.10 8.27
CA THR A 22 0.75 3.97 8.14
C THR A 22 -0.69 4.41 8.37
N LEU A 23 -1.54 4.18 7.37
CA LEU A 23 -2.95 4.56 7.46
C LEU A 23 -3.86 3.34 7.36
N CYS A 24 -3.40 2.31 6.64
CA CYS A 24 -4.18 1.09 6.46
C CYS A 24 -3.56 -0.07 7.21
N ASN A 25 -4.38 -1.10 7.47
CA ASN A 25 -3.91 -2.29 8.18
C ASN A 25 -3.91 -3.50 7.25
N SER A 26 -4.56 -3.37 6.10
CA SER A 26 -4.63 -4.46 5.13
C SER A 26 -5.49 -4.05 3.94
N ASP A 27 -5.66 -4.99 3.00
CA ASP A 27 -6.46 -4.75 1.82
C ASP A 27 -7.83 -4.19 2.16
N SER A 28 -8.51 -4.85 3.10
CA SER A 28 -9.84 -4.41 3.54
C SER A 28 -9.74 -3.07 4.26
N GLY A 29 -8.54 -2.73 4.72
CA GLY A 29 -8.34 -1.48 5.42
C GLY A 29 -8.30 -0.29 4.50
N CYS A 30 -7.76 -0.50 3.31
CA CYS A 30 -7.66 0.57 2.32
C CYS A 30 -9.01 0.87 1.69
N PRO A 31 -9.24 2.14 1.32
CA PRO A 31 -10.50 2.56 0.74
C PRO A 31 -10.57 2.32 -0.77
N ASN A 32 -11.66 2.78 -1.37
CA ASN A 32 -11.87 2.64 -2.81
C ASN A 32 -11.53 1.23 -3.30
N VAL A 33 -10.32 1.05 -3.84
CA VAL A 33 -9.87 -0.24 -4.34
C VAL A 33 -8.36 -0.38 -4.17
N GLN A 34 -7.76 0.51 -3.39
CA GLN A 34 -6.34 0.49 -3.14
C GLN A 34 -5.96 -0.61 -2.16
N LYS A 35 -4.81 -1.23 -2.37
CA LYS A 35 -4.34 -2.29 -1.50
C LYS A 35 -3.51 -1.72 -0.37
N CYS A 36 -3.18 -2.55 0.59
CA CYS A 36 -2.37 -2.11 1.73
C CYS A 36 -1.02 -2.82 1.74
N CYS A 37 0.02 -2.11 1.29
CA CYS A 37 1.36 -2.67 1.24
C CYS A 37 2.37 -1.73 1.89
N LYS A 38 3.64 -2.11 1.82
CA LYS A 38 4.71 -1.31 2.41
C LYS A 38 5.61 -0.72 1.33
N ASN A 39 5.06 0.21 0.55
CA ASN A 39 5.81 0.85 -0.52
C ASN A 39 6.58 2.06 0.00
N GLY A 40 7.63 2.44 -0.72
CA GLY A 40 8.43 3.58 -0.31
C GLY A 40 9.26 3.30 0.94
N CYS A 41 9.28 4.26 1.85
CA CYS A 41 10.04 4.11 3.09
C CYS A 41 9.55 2.91 3.89
N GLY A 42 8.23 2.75 3.96
CA GLY A 42 7.67 1.63 4.71
C GLY A 42 6.25 1.91 5.17
N PHE A 43 5.93 1.43 6.37
CA PHE A 43 4.60 1.63 6.94
C PHE A 43 3.53 1.02 6.05
N MET A 44 2.34 0.80 6.61
CA MET A 44 1.24 0.21 5.87
C MET A 44 0.40 1.30 5.19
N THR A 45 0.77 1.62 3.95
CA THR A 45 0.05 2.63 3.19
C THR A 45 -0.77 2.00 2.07
N CYS A 46 -1.60 2.81 1.41
CA CYS A 46 -2.43 2.32 0.32
C CYS A 46 -1.75 2.53 -1.02
N THR A 47 -1.99 1.59 -1.93
CA THR A 47 -1.40 1.64 -3.26
C THR A 47 -2.40 1.19 -4.32
N THR A 48 -1.94 1.08 -5.56
CA THR A 48 -2.80 0.65 -6.66
C THR A 48 -2.91 -0.87 -6.68
N PRO A 49 -4.12 -1.39 -6.92
CA PRO A 49 -4.36 -2.84 -6.97
C PRO A 49 -3.75 -3.48 -8.21
N VAL A 50 -2.94 -4.52 -7.99
CA VAL A 50 -2.28 -5.22 -9.09
C VAL A 50 -2.29 -6.74 -8.87
N PRO A 51 -3.18 -7.47 -9.55
CA PRO A 51 -3.26 -8.93 -9.41
C PRO A 51 -2.05 -9.65 -9.99
N ASN A 1 -9.24 -8.14 3.24
CA ASN A 1 -8.42 -9.34 2.95
C ASN A 1 -8.82 -9.96 1.61
N GLU A 2 -7.92 -9.92 0.65
CA GLU A 2 -8.18 -10.49 -0.67
C GLU A 2 -9.38 -9.80 -1.33
N LYS A 3 -9.12 -8.67 -1.99
CA LYS A 3 -10.17 -7.92 -2.66
C LYS A 3 -10.21 -8.25 -4.14
N SER A 4 -9.07 -8.10 -4.82
CA SER A 4 -8.97 -8.38 -6.24
C SER A 4 -7.59 -8.91 -6.59
N GLY A 5 -6.60 -8.04 -6.53
CA GLY A 5 -5.24 -8.44 -6.86
C GLY A 5 -4.36 -8.54 -5.62
N SER A 6 -3.16 -7.99 -5.70
CA SER A 6 -2.22 -8.03 -4.59
C SER A 6 -1.31 -6.80 -4.61
N CYS A 7 -0.22 -6.88 -3.87
CA CYS A 7 0.75 -5.78 -3.79
C CYS A 7 1.57 -5.69 -5.08
N PRO A 8 1.76 -4.47 -5.62
CA PRO A 8 2.53 -4.26 -6.84
C PRO A 8 4.02 -4.52 -6.65
N ASP A 9 4.57 -4.02 -5.54
CA ASP A 9 5.99 -4.20 -5.25
C ASP A 9 6.86 -3.58 -6.33
N MET A 10 8.16 -3.85 -6.27
CA MET A 10 9.10 -3.31 -7.24
C MET A 10 9.08 -1.79 -7.24
N SER A 11 9.74 -1.19 -8.23
CA SER A 11 9.81 0.26 -8.35
C SER A 11 8.45 0.90 -8.08
N MET A 12 8.47 2.14 -7.59
CA MET A 12 7.24 2.87 -7.29
C MET A 12 7.48 4.38 -7.32
N PRO A 13 7.28 5.01 -8.49
CA PRO A 13 7.48 6.46 -8.65
C PRO A 13 6.51 7.27 -7.78
N ILE A 14 6.78 7.30 -6.48
CA ILE A 14 5.93 8.03 -5.54
C ILE A 14 6.77 8.74 -4.49
N PRO A 15 7.15 10.01 -4.74
CA PRO A 15 7.96 10.80 -3.81
C PRO A 15 7.45 10.71 -2.38
N PRO A 16 8.13 9.93 -1.52
CA PRO A 16 7.74 9.76 -0.11
C PRO A 16 8.28 10.87 0.77
N LEU A 17 8.10 12.12 0.34
CA LEU A 17 8.57 13.26 1.11
C LEU A 17 7.59 13.62 2.22
N GLY A 18 6.30 13.49 1.93
CA GLY A 18 5.28 13.81 2.91
C GLY A 18 4.47 12.59 3.33
N ILE A 19 5.03 11.41 3.09
CA ILE A 19 4.35 10.16 3.45
C ILE A 19 5.28 9.23 4.21
N CYS A 20 5.46 9.51 5.50
CA CYS A 20 6.33 8.69 6.35
C CYS A 20 5.56 8.15 7.55
N LYS A 21 4.32 7.74 7.32
CA LYS A 21 3.48 7.19 8.39
C LYS A 21 2.49 6.17 7.85
N THR A 22 1.96 5.34 8.73
CA THR A 22 1.00 4.31 8.34
C THR A 22 -0.41 4.86 8.35
N LEU A 23 -1.34 4.12 7.74
CA LEU A 23 -2.74 4.53 7.67
C LEU A 23 -3.66 3.33 7.57
N CYS A 24 -3.31 2.38 6.71
CA CYS A 24 -4.11 1.18 6.52
C CYS A 24 -3.51 0.00 7.27
N ASN A 25 -4.35 -1.01 7.53
CA ASN A 25 -3.91 -2.21 8.23
C ASN A 25 -3.95 -3.42 7.30
N SER A 26 -4.62 -3.28 6.16
CA SER A 26 -4.73 -4.36 5.20
C SER A 26 -5.63 -3.95 4.04
N ASP A 27 -5.85 -4.89 3.12
CA ASP A 27 -6.68 -4.64 1.95
C ASP A 27 -8.01 -4.02 2.35
N SER A 28 -8.71 -4.69 3.27
CA SER A 28 -10.01 -4.20 3.75
C SER A 28 -9.84 -2.86 4.46
N GLY A 29 -8.62 -2.56 4.88
CA GLY A 29 -8.36 -1.30 5.56
C GLY A 29 -8.35 -0.12 4.62
N CYS A 30 -7.84 -0.34 3.42
CA CYS A 30 -7.77 0.71 2.42
C CYS A 30 -9.11 0.91 1.74
N PRO A 31 -9.48 2.17 1.46
CA PRO A 31 -10.75 2.49 0.83
C PRO A 31 -10.79 2.16 -0.67
N ASN A 32 -11.90 2.54 -1.31
CA ASN A 32 -12.09 2.30 -2.74
C ASN A 32 -11.72 0.86 -3.13
N VAL A 33 -10.49 0.66 -3.60
CA VAL A 33 -10.03 -0.66 -3.99
C VAL A 33 -8.51 -0.75 -3.90
N GLN A 34 -7.93 0.15 -3.11
CA GLN A 34 -6.49 0.18 -2.91
C GLN A 34 -6.05 -0.84 -1.88
N LYS A 35 -4.90 -1.45 -2.10
CA LYS A 35 -4.38 -2.45 -1.20
C LYS A 35 -3.51 -1.80 -0.13
N CYS A 36 -3.09 -2.57 0.85
CA CYS A 36 -2.26 -2.05 1.93
C CYS A 36 -0.87 -2.68 1.89
N CYS A 37 0.10 -1.93 1.36
CA CYS A 37 1.47 -2.41 1.26
C CYS A 37 2.46 -1.36 1.73
N LYS A 38 3.74 -1.65 1.60
CA LYS A 38 4.79 -0.74 2.02
C LYS A 38 5.14 0.23 0.89
N ASN A 39 6.36 0.16 0.36
CA ASN A 39 6.79 1.04 -0.72
C ASN A 39 6.84 2.50 -0.25
N GLY A 40 7.95 3.16 -0.53
CA GLY A 40 8.10 4.55 -0.12
C GLY A 40 8.66 4.68 1.28
N CYS A 41 8.22 5.70 2.00
CA CYS A 41 8.67 5.95 3.36
C CYS A 41 7.65 5.44 4.37
N GLY A 42 6.38 5.50 4.01
CA GLY A 42 5.33 5.05 4.90
C GLY A 42 5.41 3.57 5.19
N PHE A 43 4.97 3.18 6.39
CA PHE A 43 5.00 1.78 6.80
C PHE A 43 3.91 0.98 6.08
N MET A 44 2.65 1.31 6.36
CA MET A 44 1.53 0.62 5.74
C MET A 44 0.56 1.63 5.12
N THR A 45 0.75 1.92 3.85
CA THR A 45 -0.11 2.86 3.13
C THR A 45 -0.89 2.16 2.04
N CYS A 46 -1.75 2.91 1.35
CA CYS A 46 -2.56 2.36 0.28
C CYS A 46 -1.80 2.40 -1.05
N THR A 47 -2.04 1.40 -1.88
CA THR A 47 -1.39 1.32 -3.19
C THR A 47 -2.36 0.83 -4.25
N THR A 48 -1.89 0.78 -5.49
CA THR A 48 -2.72 0.32 -6.60
C THR A 48 -2.76 -1.20 -6.67
N PRO A 49 -3.95 -1.79 -6.84
CA PRO A 49 -4.11 -3.25 -6.92
C PRO A 49 -3.58 -3.82 -8.22
N VAL A 50 -2.67 -4.79 -8.12
CA VAL A 50 -2.08 -5.42 -9.30
C VAL A 50 -2.64 -6.82 -9.51
N PRO A 51 -2.93 -7.19 -10.77
CA PRO A 51 -3.48 -8.52 -11.09
C PRO A 51 -2.65 -9.65 -10.50
N ASN A 1 -3.83 -7.88 2.20
CA ASN A 1 -4.11 -8.33 0.81
C ASN A 1 -5.14 -9.44 0.78
N GLU A 2 -6.27 -9.19 0.14
CA GLU A 2 -7.35 -10.17 0.03
C GLU A 2 -8.63 -9.50 -0.48
N LYS A 3 -8.49 -8.64 -1.48
CA LYS A 3 -9.64 -7.95 -2.06
C LYS A 3 -9.94 -8.47 -3.46
N SER A 4 -9.06 -8.16 -4.41
CA SER A 4 -9.22 -8.59 -5.79
C SER A 4 -7.88 -8.97 -6.41
N GLY A 5 -6.95 -8.03 -6.37
CA GLY A 5 -5.63 -8.27 -6.92
C GLY A 5 -4.62 -8.62 -5.85
N SER A 6 -3.44 -8.00 -5.93
CA SER A 6 -2.39 -8.24 -4.96
C SER A 6 -1.53 -7.00 -4.79
N CYS A 7 -0.42 -7.17 -4.09
CA CYS A 7 0.52 -6.08 -3.83
C CYS A 7 1.51 -5.95 -4.98
N PRO A 8 1.82 -4.71 -5.41
CA PRO A 8 2.76 -4.45 -6.50
C PRO A 8 4.21 -4.59 -6.05
N ASP A 9 5.13 -4.52 -7.01
CA ASP A 9 6.55 -4.64 -6.72
C ASP A 9 7.23 -3.27 -6.77
N MET A 10 8.46 -3.20 -6.25
CA MET A 10 9.21 -1.96 -6.24
C MET A 10 9.67 -1.58 -7.65
N SER A 11 10.15 -0.34 -7.79
CA SER A 11 10.62 0.16 -9.07
C SER A 11 10.78 1.67 -9.04
N MET A 12 9.89 2.34 -8.33
CA MET A 12 9.93 3.80 -8.21
C MET A 12 9.96 4.23 -6.75
N PRO A 13 11.10 4.77 -6.28
CA PRO A 13 11.25 5.22 -4.89
C PRO A 13 10.38 6.44 -4.58
N ILE A 14 10.06 6.63 -3.31
CA ILE A 14 9.24 7.75 -2.88
C ILE A 14 9.91 8.51 -1.74
N PRO A 15 9.90 9.86 -1.79
CA PRO A 15 10.50 10.69 -0.76
C PRO A 15 9.78 10.59 0.59
N PRO A 16 10.42 9.96 1.59
CA PRO A 16 9.82 9.80 2.92
C PRO A 16 9.72 11.11 3.69
N LEU A 17 10.39 12.14 3.17
CA LEU A 17 10.36 13.46 3.82
C LEU A 17 8.95 14.00 3.94
N GLY A 18 8.31 14.23 2.79
CA GLY A 18 6.95 14.74 2.80
C GLY A 18 5.91 13.66 2.63
N ILE A 19 6.30 12.41 2.90
CA ILE A 19 5.39 11.28 2.78
C ILE A 19 5.76 10.17 3.75
N CYS A 20 5.00 10.06 4.84
CA CYS A 20 5.25 9.03 5.85
C CYS A 20 4.01 8.77 6.70
N LYS A 21 4.18 8.00 7.76
CA LYS A 21 3.08 7.67 8.66
C LYS A 21 2.15 6.63 8.03
N THR A 22 1.65 5.71 8.85
CA THR A 22 0.76 4.66 8.38
C THR A 22 -0.64 5.21 8.12
N LEU A 23 -1.47 4.42 7.45
CA LEU A 23 -2.83 4.83 7.13
C LEU A 23 -3.80 3.65 7.19
N CYS A 24 -3.41 2.54 6.57
CA CYS A 24 -4.24 1.35 6.54
C CYS A 24 -3.60 0.21 7.33
N ASN A 25 -4.41 -0.80 7.66
CA ASN A 25 -3.92 -1.96 8.41
C ASN A 25 -3.93 -3.21 7.53
N SER A 26 -4.67 -3.16 6.42
CA SER A 26 -4.77 -4.28 5.52
C SER A 26 -5.59 -3.91 4.28
N ASP A 27 -5.70 -4.84 3.35
CA ASP A 27 -6.46 -4.63 2.13
C ASP A 27 -7.87 -4.14 2.44
N SER A 28 -8.53 -4.82 3.37
CA SER A 28 -9.89 -4.46 3.76
C SER A 28 -9.90 -3.06 4.37
N GLY A 29 -8.76 -2.61 4.87
CA GLY A 29 -8.67 -1.29 5.46
C GLY A 29 -8.58 -0.19 4.43
N CYS A 30 -7.94 -0.52 3.30
CA CYS A 30 -7.77 0.45 2.23
C CYS A 30 -9.09 0.76 1.56
N PRO A 31 -9.28 2.02 1.13
CA PRO A 31 -10.51 2.45 0.49
C PRO A 31 -10.56 2.09 -0.99
N ASN A 32 -11.67 2.45 -1.63
CA ASN A 32 -11.87 2.19 -3.05
C ASN A 32 -11.51 0.75 -3.42
N VAL A 33 -10.25 0.53 -3.78
CA VAL A 33 -9.78 -0.80 -4.14
C VAL A 33 -8.26 -0.87 -4.07
N GLN A 34 -7.69 -0.04 -3.21
CA GLN A 34 -6.24 0.01 -3.04
C GLN A 34 -5.76 -1.07 -2.08
N LYS A 35 -4.56 -1.59 -2.35
CA LYS A 35 -3.97 -2.61 -1.52
C LYS A 35 -3.16 -1.98 -0.40
N CYS A 36 -3.13 -2.63 0.74
CA CYS A 36 -2.39 -2.12 1.88
C CYS A 36 -1.03 -2.80 1.99
N CYS A 37 -0.03 -2.20 1.33
CA CYS A 37 1.32 -2.75 1.33
C CYS A 37 2.32 -1.73 1.86
N LYS A 38 3.60 -2.09 1.79
CA LYS A 38 4.66 -1.21 2.26
C LYS A 38 5.33 -0.49 1.09
N ASN A 39 4.90 0.74 0.84
CA ASN A 39 5.44 1.54 -0.25
C ASN A 39 6.39 2.61 0.28
N GLY A 40 5.86 3.50 1.11
CA GLY A 40 6.67 4.56 1.67
C GLY A 40 7.59 4.07 2.78
N CYS A 41 7.89 4.95 3.73
CA CYS A 41 8.76 4.61 4.84
C CYS A 41 8.13 3.52 5.71
N GLY A 42 8.21 2.28 5.25
CA GLY A 42 7.66 1.17 5.99
C GLY A 42 6.17 1.34 6.24
N PHE A 43 5.69 0.86 7.38
CA PHE A 43 4.28 0.96 7.73
C PHE A 43 3.40 0.35 6.64
N MET A 44 2.09 0.45 6.82
CA MET A 44 1.14 -0.10 5.86
C MET A 44 0.30 1.01 5.23
N THR A 45 0.58 1.31 3.96
CA THR A 45 -0.15 2.35 3.24
C THR A 45 -0.90 1.76 2.06
N CYS A 46 -1.77 2.58 1.45
CA CYS A 46 -2.56 2.14 0.30
C CYS A 46 -1.84 2.42 -1.00
N THR A 47 -1.96 1.49 -1.93
CA THR A 47 -1.32 1.61 -3.25
C THR A 47 -2.26 1.09 -4.33
N THR A 48 -1.80 1.18 -5.58
CA THR A 48 -2.58 0.72 -6.72
C THR A 48 -2.67 -0.82 -6.73
N PRO A 49 -3.88 -1.37 -6.87
CA PRO A 49 -4.09 -2.82 -6.89
C PRO A 49 -3.53 -3.47 -8.16
N VAL A 50 -2.80 -4.57 -7.99
CA VAL A 50 -2.22 -5.28 -9.12
C VAL A 50 -3.12 -6.42 -9.58
N PRO A 51 -3.47 -6.47 -10.88
CA PRO A 51 -4.33 -7.52 -11.42
C PRO A 51 -3.81 -8.92 -11.09
N ASN A 1 -9.25 -9.68 4.30
CA ASN A 1 -8.00 -9.89 3.52
C ASN A 1 -8.31 -10.34 2.10
N GLU A 2 -7.42 -10.01 1.17
CA GLU A 2 -7.59 -10.37 -0.23
C GLU A 2 -8.88 -9.76 -0.79
N LYS A 3 -8.71 -8.78 -1.68
CA LYS A 3 -9.86 -8.11 -2.30
C LYS A 3 -10.08 -8.62 -3.72
N SER A 4 -9.07 -8.44 -4.58
CA SER A 4 -9.16 -8.88 -5.96
C SER A 4 -7.78 -9.22 -6.51
N GLY A 5 -6.89 -8.23 -6.54
CA GLY A 5 -5.55 -8.45 -7.03
C GLY A 5 -4.56 -8.73 -5.93
N SER A 6 -3.41 -8.07 -6.00
CA SER A 6 -2.37 -8.24 -5.00
C SER A 6 -1.55 -6.96 -4.84
N CYS A 7 -0.39 -7.10 -4.22
CA CYS A 7 0.50 -5.97 -3.98
C CYS A 7 1.48 -5.80 -5.15
N PRO A 8 1.71 -4.54 -5.59
CA PRO A 8 2.63 -4.26 -6.69
C PRO A 8 4.08 -4.22 -6.25
N ASP A 9 4.99 -4.45 -7.19
CA ASP A 9 6.42 -4.43 -6.89
C ASP A 9 7.23 -4.03 -8.12
N MET A 10 7.93 -2.90 -8.02
CA MET A 10 8.73 -2.41 -9.13
C MET A 10 10.07 -1.88 -8.62
N SER A 11 10.07 -0.67 -8.09
CA SER A 11 11.28 -0.05 -7.57
C SER A 11 12.36 0.03 -8.65
N MET A 12 11.94 -0.01 -9.92
CA MET A 12 12.87 0.07 -11.03
C MET A 12 13.29 1.51 -11.31
N PRO A 13 12.33 2.40 -11.57
CA PRO A 13 12.62 3.81 -11.85
C PRO A 13 12.99 4.59 -10.59
N ILE A 14 13.00 5.92 -10.72
CA ILE A 14 13.34 6.78 -9.59
C ILE A 14 12.51 6.43 -8.35
N PRO A 15 13.18 5.90 -7.29
CA PRO A 15 12.50 5.52 -6.05
C PRO A 15 11.64 6.66 -5.50
N PRO A 16 10.36 6.36 -5.14
CA PRO A 16 9.45 7.35 -4.59
C PRO A 16 9.56 7.51 -3.08
N LEU A 17 10.79 7.41 -2.57
CA LEU A 17 11.03 7.54 -1.13
C LEU A 17 10.60 8.91 -0.62
N GLY A 18 10.05 8.94 0.58
CA GLY A 18 9.62 10.20 1.16
C GLY A 18 8.17 10.16 1.64
N ILE A 19 7.45 9.11 1.26
CA ILE A 19 6.06 8.95 1.64
C ILE A 19 5.94 8.03 2.86
N CYS A 20 6.18 8.60 4.04
CA CYS A 20 6.11 7.83 5.29
C CYS A 20 4.70 7.93 5.89
N LYS A 21 4.59 7.56 7.17
CA LYS A 21 3.31 7.61 7.87
C LYS A 21 2.38 6.50 7.39
N THR A 22 1.76 5.80 8.34
CA THR A 22 0.83 4.72 8.00
C THR A 22 -0.50 5.27 7.52
N LEU A 23 -1.44 4.37 7.22
CA LEU A 23 -2.76 4.78 6.75
C LEU A 23 -3.74 3.61 6.79
N CYS A 24 -3.27 2.44 6.38
CA CYS A 24 -4.12 1.25 6.37
C CYS A 24 -3.50 0.12 7.18
N ASN A 25 -4.34 -0.86 7.53
CA ASN A 25 -3.88 -2.00 8.31
C ASN A 25 -4.00 -3.29 7.48
N SER A 26 -4.73 -3.22 6.37
CA SER A 26 -4.92 -4.36 5.51
C SER A 26 -5.76 -3.98 4.29
N ASP A 27 -5.96 -4.94 3.39
CA ASP A 27 -6.74 -4.72 2.19
C ASP A 27 -8.10 -4.12 2.51
N SER A 28 -8.74 -4.66 3.54
CA SER A 28 -10.04 -4.17 3.97
C SER A 28 -9.93 -2.78 4.60
N GLY A 29 -8.71 -2.43 5.02
CA GLY A 29 -8.48 -1.13 5.62
C GLY A 29 -8.45 -0.02 4.61
N CYS A 30 -7.87 -0.30 3.45
CA CYS A 30 -7.78 0.69 2.38
C CYS A 30 -9.13 0.97 1.77
N PRO A 31 -9.35 2.21 1.31
CA PRO A 31 -10.61 2.61 0.72
C PRO A 31 -10.73 2.21 -0.76
N ASN A 32 -11.85 2.57 -1.36
CA ASN A 32 -12.12 2.28 -2.77
C ASN A 32 -11.73 0.84 -3.13
N VAL A 33 -10.51 0.66 -3.62
CA VAL A 33 -10.02 -0.65 -4.00
C VAL A 33 -8.52 -0.77 -3.77
N GLN A 34 -7.94 0.27 -3.17
CA GLN A 34 -6.52 0.29 -2.89
C GLN A 34 -6.12 -0.83 -1.94
N LYS A 35 -4.96 -1.42 -2.18
CA LYS A 35 -4.46 -2.50 -1.35
C LYS A 35 -3.62 -1.94 -0.22
N CYS A 36 -3.30 -2.77 0.76
CA CYS A 36 -2.50 -2.33 1.89
C CYS A 36 -1.13 -3.01 1.88
N CYS A 37 -0.13 -2.28 1.39
CA CYS A 37 1.22 -2.81 1.31
C CYS A 37 2.22 -1.83 1.90
N LYS A 38 3.51 -2.16 1.78
CA LYS A 38 4.58 -1.31 2.30
C LYS A 38 5.52 -0.89 1.18
N ASN A 39 5.21 0.23 0.54
CA ASN A 39 6.04 0.73 -0.55
C ASN A 39 6.52 2.15 -0.26
N GLY A 40 7.66 2.51 -0.83
CA GLY A 40 8.21 3.85 -0.61
C GLY A 40 8.98 3.95 0.69
N CYS A 41 8.61 4.93 1.52
CA CYS A 41 9.28 5.13 2.79
C CYS A 41 9.16 3.89 3.67
N GLY A 42 7.93 3.55 4.04
CA GLY A 42 7.71 2.39 4.89
C GLY A 42 6.30 2.34 5.44
N PHE A 43 6.12 1.60 6.54
CA PHE A 43 4.81 1.48 7.17
C PHE A 43 3.80 0.86 6.21
N MET A 44 2.58 0.66 6.68
CA MET A 44 1.52 0.07 5.88
C MET A 44 0.60 1.15 5.31
N THR A 45 0.75 1.45 4.03
CA THR A 45 -0.06 2.45 3.36
C THR A 45 -0.83 1.84 2.20
N CYS A 46 -1.66 2.64 1.55
CA CYS A 46 -2.45 2.17 0.42
C CYS A 46 -1.64 2.22 -0.86
N THR A 47 -1.91 1.28 -1.75
CA THR A 47 -1.21 1.20 -3.02
C THR A 47 -2.17 0.82 -4.16
N THR A 48 -1.70 0.98 -5.39
CA THR A 48 -2.50 0.64 -6.55
C THR A 48 -2.54 -0.86 -6.78
N PRO A 49 -3.72 -1.49 -6.65
CA PRO A 49 -3.88 -2.95 -6.84
C PRO A 49 -3.28 -3.42 -8.16
N VAL A 50 -2.49 -4.48 -8.08
CA VAL A 50 -1.85 -5.05 -9.27
C VAL A 50 -2.52 -6.36 -9.68
N PRO A 51 -2.83 -6.51 -10.98
CA PRO A 51 -3.47 -7.73 -11.50
C PRO A 51 -2.51 -8.92 -11.54
N ASN A 1 -10.46 -12.72 3.40
CA ASN A 1 -9.28 -11.86 3.16
C ASN A 1 -9.11 -11.56 1.68
N GLU A 2 -8.15 -10.70 1.34
CA GLU A 2 -7.90 -10.33 -0.04
C GLU A 2 -9.11 -9.64 -0.66
N LYS A 3 -8.86 -8.72 -1.59
CA LYS A 3 -9.93 -7.99 -2.25
C LYS A 3 -10.10 -8.48 -3.69
N SER A 4 -9.07 -8.27 -4.51
CA SER A 4 -9.12 -8.69 -5.90
C SER A 4 -7.73 -9.13 -6.38
N GLY A 5 -6.80 -8.20 -6.42
CA GLY A 5 -5.45 -8.52 -6.86
C GLY A 5 -4.50 -8.73 -5.70
N SER A 6 -3.32 -8.13 -5.79
CA SER A 6 -2.32 -8.25 -4.74
C SER A 6 -1.45 -7.00 -4.67
N CYS A 7 -0.30 -7.13 -4.00
CA CYS A 7 0.63 -6.02 -3.85
C CYS A 7 1.61 -5.97 -5.03
N PRO A 8 1.90 -4.76 -5.55
CA PRO A 8 2.83 -4.59 -6.67
C PRO A 8 4.26 -4.96 -6.31
N ASP A 9 5.09 -5.14 -7.33
CA ASP A 9 6.49 -5.50 -7.12
C ASP A 9 7.35 -4.24 -6.97
N MET A 10 8.66 -4.39 -7.17
CA MET A 10 9.61 -3.28 -7.06
C MET A 10 9.88 -2.94 -5.59
N SER A 11 8.87 -2.44 -4.90
CA SER A 11 9.00 -2.08 -3.49
C SER A 11 10.09 -1.01 -3.32
N MET A 12 10.50 -0.79 -2.08
CA MET A 12 11.53 0.20 -1.78
C MET A 12 11.87 0.18 -0.28
N PRO A 13 12.99 -0.46 0.08
CA PRO A 13 13.44 -0.53 1.48
C PRO A 13 13.92 0.82 2.01
N ILE A 14 13.25 1.30 3.05
CA ILE A 14 13.60 2.58 3.66
C ILE A 14 13.30 2.59 5.15
N PRO A 15 14.21 3.13 5.98
CA PRO A 15 14.02 3.19 7.44
C PRO A 15 12.80 4.03 7.82
N PRO A 16 12.07 3.62 8.87
CA PRO A 16 10.88 4.34 9.34
C PRO A 16 11.20 5.53 10.24
N LEU A 17 12.49 5.87 10.34
CA LEU A 17 12.92 6.99 11.17
C LEU A 17 12.96 8.28 10.37
N GLY A 18 11.88 9.05 10.44
CA GLY A 18 11.81 10.30 9.71
C GLY A 18 10.97 10.22 8.45
N ILE A 19 10.05 9.26 8.43
CA ILE A 19 9.18 9.07 7.27
C ILE A 19 7.74 9.50 7.62
N CYS A 20 6.76 8.64 7.33
CA CYS A 20 5.36 8.96 7.62
C CYS A 20 4.78 7.97 8.61
N LYS A 21 3.47 8.07 8.84
CA LYS A 21 2.78 7.18 9.77
C LYS A 21 1.82 6.27 9.03
N THR A 22 1.63 5.06 9.57
CA THR A 22 0.74 4.09 8.95
C THR A 22 -0.67 4.67 8.78
N LEU A 23 -1.39 4.17 7.78
CA LEU A 23 -2.74 4.63 7.51
C LEU A 23 -3.73 3.48 7.44
N CYS A 24 -3.36 2.43 6.70
CA CYS A 24 -4.21 1.26 6.55
C CYS A 24 -3.68 0.09 7.36
N ASN A 25 -4.53 -0.91 7.57
CA ASN A 25 -4.16 -2.10 8.32
C ASN A 25 -4.11 -3.33 7.41
N SER A 26 -4.73 -3.22 6.24
CA SER A 26 -4.77 -4.30 5.28
C SER A 26 -5.60 -3.93 4.06
N ASP A 27 -5.74 -4.88 3.15
CA ASP A 27 -6.50 -4.67 1.93
C ASP A 27 -7.89 -4.11 2.25
N SER A 28 -8.60 -4.78 3.15
CA SER A 28 -9.94 -4.34 3.54
C SER A 28 -9.87 -3.00 4.28
N GLY A 29 -8.68 -2.63 4.75
CA GLY A 29 -8.52 -1.39 5.46
C GLY A 29 -8.40 -0.21 4.54
N CYS A 30 -7.86 -0.44 3.35
CA CYS A 30 -7.69 0.61 2.36
C CYS A 30 -9.00 0.98 1.70
N PRO A 31 -9.19 2.28 1.41
CA PRO A 31 -10.42 2.77 0.79
C PRO A 31 -10.56 2.36 -0.68
N ASN A 32 -11.71 2.68 -1.26
CA ASN A 32 -11.99 2.37 -2.65
C ASN A 32 -11.65 0.92 -2.99
N VAL A 33 -10.43 0.69 -3.46
CA VAL A 33 -9.98 -0.65 -3.81
C VAL A 33 -8.46 -0.74 -3.81
N GLN A 34 -7.83 0.19 -3.08
CA GLN A 34 -6.39 0.23 -2.98
C GLN A 34 -5.86 -0.83 -2.03
N LYS A 35 -4.69 -1.38 -2.34
CA LYS A 35 -4.09 -2.40 -1.51
C LYS A 35 -3.21 -1.77 -0.45
N CYS A 36 -3.08 -2.42 0.68
CA CYS A 36 -2.27 -1.90 1.77
C CYS A 36 -0.90 -2.56 1.80
N CYS A 37 0.08 -1.92 1.16
CA CYS A 37 1.43 -2.43 1.10
C CYS A 37 2.44 -1.35 1.47
N LYS A 38 3.72 -1.68 1.34
CA LYS A 38 4.78 -0.73 1.65
C LYS A 38 5.32 -0.07 0.39
N ASN A 39 4.46 0.70 -0.28
CA ASN A 39 4.84 1.39 -1.51
C ASN A 39 4.77 2.90 -1.33
N GLY A 40 3.74 3.36 -0.61
CA GLY A 40 3.57 4.78 -0.39
C GLY A 40 4.76 5.40 0.34
N CYS A 41 4.54 5.82 1.57
CA CYS A 41 5.59 6.44 2.36
C CYS A 41 6.32 5.39 3.21
N GLY A 42 5.54 4.62 3.97
CA GLY A 42 6.12 3.59 4.80
C GLY A 42 5.10 2.89 5.67
N PHE A 43 5.55 1.89 6.42
CA PHE A 43 4.66 1.13 7.30
C PHE A 43 3.59 0.40 6.51
N MET A 44 2.42 1.03 6.34
CA MET A 44 1.32 0.43 5.60
C MET A 44 0.46 1.49 4.93
N THR A 45 0.77 1.79 3.67
CA THR A 45 0.03 2.79 2.92
C THR A 45 -0.80 2.13 1.81
N CYS A 46 -1.72 2.91 1.23
CA CYS A 46 -2.57 2.40 0.18
C CYS A 46 -1.98 2.68 -1.20
N THR A 47 -2.12 1.71 -2.10
CA THR A 47 -1.60 1.83 -3.45
C THR A 47 -2.59 1.22 -4.46
N THR A 48 -2.14 1.13 -5.71
CA THR A 48 -2.98 0.56 -6.77
C THR A 48 -2.90 -0.96 -6.77
N PRO A 49 -4.04 -1.65 -6.97
CA PRO A 49 -4.08 -3.12 -6.99
C PRO A 49 -3.40 -3.69 -8.23
N VAL A 50 -2.62 -4.75 -8.02
CA VAL A 50 -1.90 -5.39 -9.13
C VAL A 50 -2.64 -6.65 -9.60
N PRO A 51 -2.77 -6.84 -10.93
CA PRO A 51 -3.46 -8.01 -11.49
C PRO A 51 -2.68 -9.31 -11.27
N ASN A 1 -9.34 -11.21 4.01
CA ASN A 1 -8.22 -10.47 3.38
C ASN A 1 -8.22 -10.64 1.87
N GLU A 2 -7.38 -9.88 1.19
CA GLU A 2 -7.30 -9.93 -0.27
C GLU A 2 -8.61 -9.52 -0.91
N LYS A 3 -8.58 -8.44 -1.69
CA LYS A 3 -9.77 -7.94 -2.36
C LYS A 3 -9.92 -8.58 -3.74
N SER A 4 -8.96 -8.31 -4.62
CA SER A 4 -9.00 -8.86 -5.98
C SER A 4 -7.61 -9.32 -6.42
N GLY A 5 -6.73 -8.35 -6.69
CA GLY A 5 -5.38 -8.67 -7.11
C GLY A 5 -4.43 -8.81 -5.94
N SER A 6 -3.28 -8.15 -6.04
CA SER A 6 -2.28 -8.20 -5.00
C SER A 6 -1.47 -6.90 -4.97
N CYS A 7 -0.33 -6.93 -4.27
CA CYS A 7 0.53 -5.77 -4.15
C CYS A 7 1.38 -5.60 -5.41
N PRO A 8 1.57 -4.35 -5.87
CA PRO A 8 2.36 -4.06 -7.07
C PRO A 8 3.85 -4.00 -6.76
N ASP A 9 4.66 -4.06 -7.81
CA ASP A 9 6.11 -4.01 -7.67
C ASP A 9 6.71 -2.81 -8.40
N MET A 10 6.33 -2.67 -9.67
CA MET A 10 6.81 -1.56 -10.51
C MET A 10 8.31 -1.35 -10.35
N SER A 11 9.03 -2.43 -10.04
CA SER A 11 10.48 -2.38 -9.86
C SER A 11 10.88 -1.26 -8.90
N MET A 12 11.10 -0.06 -9.43
CA MET A 12 11.49 1.08 -8.61
C MET A 12 10.31 1.59 -7.78
N PRO A 13 10.38 1.48 -6.44
CA PRO A 13 9.31 1.94 -5.55
C PRO A 13 9.00 3.42 -5.73
N ILE A 14 8.39 4.02 -4.73
CA ILE A 14 8.03 5.43 -4.78
C ILE A 14 8.93 6.26 -3.85
N PRO A 15 9.38 7.44 -4.30
CA PRO A 15 10.25 8.32 -3.51
C PRO A 15 9.72 8.52 -2.09
N PRO A 16 10.35 7.87 -1.10
CA PRO A 16 9.95 7.99 0.31
C PRO A 16 10.32 9.33 0.93
N LEU A 17 10.04 10.42 0.21
CA LEU A 17 10.35 11.75 0.71
C LEU A 17 9.24 12.26 1.62
N GLY A 18 8.01 11.84 1.34
CA GLY A 18 6.88 12.26 2.14
C GLY A 18 5.83 11.18 2.29
N ILE A 19 6.23 9.93 2.06
CA ILE A 19 5.33 8.80 2.17
C ILE A 19 5.83 7.79 3.20
N CYS A 20 5.65 8.11 4.48
CA CYS A 20 6.10 7.22 5.55
C CYS A 20 5.18 7.35 6.76
N LYS A 21 4.07 6.63 6.74
CA LYS A 21 3.11 6.65 7.84
C LYS A 21 1.96 5.68 7.60
N THR A 22 1.92 4.61 8.39
CA THR A 22 0.87 3.61 8.26
C THR A 22 -0.50 4.23 8.47
N LEU A 23 -1.36 4.12 7.47
CA LEU A 23 -2.71 4.68 7.55
C LEU A 23 -3.77 3.58 7.55
N CYS A 24 -3.44 2.44 6.95
CA CYS A 24 -4.37 1.31 6.88
C CYS A 24 -3.84 0.10 7.65
N ASN A 25 -4.67 -0.92 7.77
CA ASN A 25 -4.28 -2.14 8.47
C ASN A 25 -4.24 -3.34 7.53
N SER A 26 -4.91 -3.22 6.38
CA SER A 26 -4.93 -4.29 5.40
C SER A 26 -5.78 -3.90 4.19
N ASP A 27 -5.85 -4.79 3.21
CA ASP A 27 -6.61 -4.55 1.99
C ASP A 27 -7.97 -3.92 2.28
N SER A 28 -8.78 -4.62 3.07
CA SER A 28 -10.10 -4.14 3.44
C SER A 28 -10.00 -2.80 4.17
N GLY A 29 -8.82 -2.51 4.71
CA GLY A 29 -8.61 -1.27 5.44
C GLY A 29 -8.62 -0.06 4.53
N CYS A 30 -7.77 -0.10 3.52
CA CYS A 30 -7.68 1.01 2.56
C CYS A 30 -9.00 1.26 1.86
N PRO A 31 -9.33 2.53 1.59
CA PRO A 31 -10.59 2.89 0.95
C PRO A 31 -10.65 2.49 -0.52
N ASN A 32 -11.74 2.87 -1.18
CA ASN A 32 -11.95 2.58 -2.59
C ASN A 32 -11.68 1.11 -2.90
N VAL A 33 -10.50 0.82 -3.43
CA VAL A 33 -10.12 -0.54 -3.78
C VAL A 33 -8.61 -0.69 -3.74
N GLN A 34 -7.96 0.17 -2.96
CA GLN A 34 -6.51 0.16 -2.85
C GLN A 34 -6.05 -0.88 -1.82
N LYS A 35 -4.93 -1.53 -2.13
CA LYS A 35 -4.37 -2.54 -1.25
C LYS A 35 -3.41 -1.90 -0.24
N CYS A 36 -2.95 -2.69 0.71
CA CYS A 36 -2.02 -2.17 1.72
C CYS A 36 -0.66 -2.85 1.59
N CYS A 37 0.33 -2.07 1.15
CA CYS A 37 1.69 -2.58 0.99
C CYS A 37 2.71 -1.61 1.55
N LYS A 38 3.98 -1.93 1.36
CA LYS A 38 5.07 -1.08 1.84
C LYS A 38 5.58 -0.16 0.74
N ASN A 39 4.65 0.38 -0.05
CA ASN A 39 5.01 1.28 -1.14
C ASN A 39 5.20 2.70 -0.64
N GLY A 40 6.28 2.93 0.10
CA GLY A 40 6.56 4.25 0.62
C GLY A 40 7.28 4.20 1.96
N CYS A 41 8.59 4.42 1.94
CA CYS A 41 9.40 4.40 3.15
C CYS A 41 9.34 3.03 3.82
N GLY A 42 8.27 2.79 4.58
CA GLY A 42 8.12 1.52 5.27
C GLY A 42 6.92 1.50 6.19
N PHE A 43 5.74 1.34 5.60
CA PHE A 43 4.50 1.31 6.38
C PHE A 43 3.35 0.73 5.55
N MET A 44 2.19 0.57 6.18
CA MET A 44 1.02 0.04 5.50
C MET A 44 0.19 1.16 4.88
N THR A 45 0.50 1.50 3.63
CA THR A 45 -0.21 2.55 2.93
C THR A 45 -0.99 1.98 1.73
N CYS A 46 -1.87 2.79 1.15
CA CYS A 46 -2.66 2.36 0.02
C CYS A 46 -1.82 2.34 -1.25
N THR A 47 -2.01 1.31 -2.05
CA THR A 47 -1.27 1.15 -3.30
C THR A 47 -2.20 0.68 -4.42
N THR A 48 -1.83 1.01 -5.65
CA THR A 48 -2.64 0.63 -6.81
C THR A 48 -2.79 -0.88 -6.90
N PRO A 49 -4.03 -1.39 -6.99
CA PRO A 49 -4.31 -2.82 -7.08
C PRO A 49 -3.73 -3.44 -8.36
N VAL A 50 -2.90 -4.46 -8.19
CA VAL A 50 -2.29 -5.13 -9.33
C VAL A 50 -2.23 -6.64 -9.11
N PRO A 51 -2.89 -7.43 -9.98
CA PRO A 51 -2.92 -8.89 -9.86
C PRO A 51 -1.51 -9.47 -9.75
N ASN A 1 -6.70 -12.27 3.88
CA ASN A 1 -7.79 -11.63 3.09
C ASN A 1 -7.27 -11.13 1.73
N GLU A 2 -8.13 -10.43 1.00
CA GLU A 2 -7.76 -9.90 -0.31
C GLU A 2 -9.00 -9.42 -1.06
N LYS A 3 -8.83 -8.41 -1.91
CA LYS A 3 -9.95 -7.88 -2.68
C LYS A 3 -10.02 -8.54 -4.05
N SER A 4 -8.91 -8.50 -4.79
CA SER A 4 -8.87 -9.10 -6.12
C SER A 4 -7.45 -9.52 -6.48
N GLY A 5 -6.56 -8.54 -6.58
CA GLY A 5 -5.17 -8.83 -6.93
C GLY A 5 -4.26 -8.87 -5.73
N SER A 6 -3.12 -8.22 -5.84
CA SER A 6 -2.15 -8.19 -4.76
C SER A 6 -1.35 -6.89 -4.79
N CYS A 7 -0.24 -6.87 -4.07
CA CYS A 7 0.62 -5.68 -4.00
C CYS A 7 1.47 -5.58 -5.26
N PRO A 8 1.68 -4.34 -5.78
CA PRO A 8 2.48 -4.12 -6.99
C PRO A 8 3.96 -4.40 -6.75
N ASP A 9 4.80 -3.91 -7.66
CA ASP A 9 6.24 -4.09 -7.55
C ASP A 9 6.97 -3.22 -8.56
N MET A 10 7.14 -1.95 -8.21
CA MET A 10 7.82 -0.99 -9.09
C MET A 10 9.29 -0.83 -8.70
N SER A 11 9.66 -1.34 -7.53
CA SER A 11 11.03 -1.24 -7.05
C SER A 11 11.47 0.23 -6.96
N MET A 12 12.77 0.48 -6.99
CA MET A 12 13.31 1.83 -6.90
C MET A 12 13.25 2.34 -5.46
N PRO A 13 14.41 2.51 -4.81
CA PRO A 13 14.49 3.00 -3.43
C PRO A 13 13.71 4.30 -3.23
N ILE A 14 13.66 4.77 -1.99
CA ILE A 14 12.96 6.00 -1.66
C ILE A 14 13.71 6.80 -0.59
N PRO A 15 13.79 8.14 -0.76
CA PRO A 15 14.48 9.01 0.19
C PRO A 15 13.76 9.06 1.54
N PRO A 16 14.48 9.46 2.60
CA PRO A 16 13.93 9.54 3.95
C PRO A 16 13.30 10.90 4.23
N LEU A 17 12.87 11.59 3.17
CA LEU A 17 12.26 12.90 3.31
C LEU A 17 11.11 12.87 4.31
N GLY A 18 10.05 12.15 3.98
CA GLY A 18 8.91 12.05 4.87
C GLY A 18 7.79 11.19 4.29
N ILE A 19 8.18 10.14 3.59
CA ILE A 19 7.24 9.23 2.98
C ILE A 19 6.68 8.23 4.01
N CYS A 20 7.07 8.40 5.27
CA CYS A 20 6.60 7.53 6.34
C CYS A 20 5.14 7.77 6.66
N LYS A 21 4.70 7.35 7.85
CA LYS A 21 3.31 7.52 8.28
C LYS A 21 2.41 6.50 7.61
N THR A 22 1.77 5.66 8.42
CA THR A 22 0.87 4.63 7.92
C THR A 22 -0.56 5.14 7.85
N LEU A 23 -1.49 4.27 7.48
CA LEU A 23 -2.89 4.64 7.39
C LEU A 23 -3.79 3.40 7.33
N CYS A 24 -3.38 2.41 6.55
CA CYS A 24 -4.16 1.19 6.41
C CYS A 24 -3.53 0.04 7.18
N ASN A 25 -4.34 -0.97 7.50
CA ASN A 25 -3.87 -2.14 8.22
C ASN A 25 -3.97 -3.40 7.36
N SER A 26 -4.63 -3.28 6.21
CA SER A 26 -4.80 -4.40 5.29
C SER A 26 -5.67 -3.99 4.11
N ASP A 27 -5.92 -4.95 3.23
CA ASP A 27 -6.75 -4.71 2.05
C ASP A 27 -8.08 -4.08 2.44
N SER A 28 -8.75 -4.67 3.43
CA SER A 28 -10.03 -4.16 3.90
C SER A 28 -9.85 -2.80 4.58
N GLY A 29 -8.62 -2.49 4.98
CA GLY A 29 -8.35 -1.23 5.63
C GLY A 29 -8.32 -0.07 4.66
N CYS A 30 -7.80 -0.32 3.48
CA CYS A 30 -7.71 0.70 2.45
C CYS A 30 -9.07 1.00 1.84
N PRO A 31 -9.30 2.27 1.45
CA PRO A 31 -10.56 2.69 0.88
C PRO A 31 -10.65 2.42 -0.62
N ASN A 32 -11.75 2.86 -1.21
CA ASN A 32 -11.99 2.69 -2.65
C ASN A 32 -11.70 1.26 -3.11
N VAL A 33 -10.46 1.01 -3.53
CA VAL A 33 -10.06 -0.32 -3.98
C VAL A 33 -8.54 -0.47 -3.93
N GLN A 34 -7.92 0.30 -3.04
CA GLN A 34 -6.47 0.27 -2.89
C GLN A 34 -6.06 -0.83 -1.91
N LYS A 35 -4.90 -1.42 -2.16
CA LYS A 35 -4.39 -2.47 -1.30
C LYS A 35 -3.55 -1.87 -0.19
N CYS A 36 -3.18 -2.69 0.79
CA CYS A 36 -2.37 -2.21 1.90
C CYS A 36 -0.98 -2.85 1.87
N CYS A 37 -0.01 -2.12 1.35
CA CYS A 37 1.36 -2.60 1.26
C CYS A 37 2.31 -1.72 2.05
N LYS A 38 3.60 -2.02 1.96
CA LYS A 38 4.61 -1.25 2.67
C LYS A 38 5.10 -0.08 1.83
N ASN A 39 6.26 0.45 2.18
CA ASN A 39 6.84 1.58 1.45
C ASN A 39 8.28 1.82 1.89
N GLY A 40 8.86 2.92 1.39
CA GLY A 40 10.23 3.24 1.74
C GLY A 40 10.36 3.87 3.12
N CYS A 41 10.09 3.08 4.16
CA CYS A 41 10.18 3.55 5.53
C CYS A 41 9.86 2.44 6.51
N GLY A 42 8.77 1.71 6.25
CA GLY A 42 8.38 0.63 7.13
C GLY A 42 7.02 0.86 7.77
N PHE A 43 6.01 1.05 6.95
CA PHE A 43 4.65 1.28 7.44
C PHE A 43 3.63 0.61 6.54
N MET A 44 2.35 0.85 6.82
CA MET A 44 1.27 0.26 6.03
C MET A 44 0.45 1.35 5.34
N THR A 45 0.74 1.58 4.06
CA THR A 45 0.04 2.58 3.27
C THR A 45 -0.79 1.93 2.16
N CYS A 46 -1.59 2.74 1.47
CA CYS A 46 -2.42 2.24 0.39
C CYS A 46 -1.69 2.29 -0.94
N THR A 47 -2.01 1.34 -1.81
CA THR A 47 -1.40 1.26 -3.12
C THR A 47 -2.43 0.88 -4.19
N THR A 48 -1.97 0.73 -5.43
CA THR A 48 -2.85 0.35 -6.53
C THR A 48 -2.92 -1.17 -6.66
N PRO A 49 -4.13 -1.72 -6.91
CA PRO A 49 -4.32 -3.18 -7.05
C PRO A 49 -3.70 -3.71 -8.34
N VAL A 50 -2.74 -4.61 -8.19
CA VAL A 50 -2.07 -5.21 -9.34
C VAL A 50 -2.58 -6.63 -9.59
N PRO A 51 -2.85 -6.98 -10.86
CA PRO A 51 -3.34 -8.31 -11.22
C PRO A 51 -2.29 -9.39 -11.02
N ASN A 1 -8.82 -11.82 3.79
CA ASN A 1 -7.71 -11.02 3.23
C ASN A 1 -7.75 -11.02 1.70
N GLU A 2 -6.99 -10.13 1.08
CA GLU A 2 -6.92 -10.03 -0.38
C GLU A 2 -8.29 -9.61 -0.94
N LYS A 3 -8.29 -8.55 -1.72
CA LYS A 3 -9.52 -8.05 -2.34
C LYS A 3 -9.72 -8.64 -3.73
N SER A 4 -8.71 -8.50 -4.58
CA SER A 4 -8.78 -9.02 -5.94
C SER A 4 -7.39 -9.40 -6.44
N GLY A 5 -6.50 -8.43 -6.52
CA GLY A 5 -5.16 -8.69 -7.00
C GLY A 5 -4.16 -8.82 -5.86
N SER A 6 -3.03 -8.14 -6.01
CA SER A 6 -1.97 -8.18 -5.00
C SER A 6 -1.18 -6.87 -5.00
N CYS A 7 -0.03 -6.90 -4.35
CA CYS A 7 0.83 -5.73 -4.26
C CYS A 7 1.66 -5.55 -5.54
N PRO A 8 1.85 -4.30 -5.99
CA PRO A 8 2.63 -4.01 -7.21
C PRO A 8 4.11 -4.31 -7.03
N ASP A 9 4.72 -3.68 -6.03
CA ASP A 9 6.14 -3.88 -5.76
C ASP A 9 7.00 -3.32 -6.89
N MET A 10 6.66 -2.11 -7.35
CA MET A 10 7.39 -1.47 -8.43
C MET A 10 8.12 -0.22 -7.92
N SER A 11 7.37 0.87 -7.73
CA SER A 11 7.93 2.12 -7.26
C SER A 11 6.94 3.26 -7.44
N MET A 12 7.10 4.32 -6.64
CA MET A 12 6.23 5.48 -6.71
C MET A 12 6.95 6.74 -6.25
N PRO A 13 6.49 7.92 -6.70
CA PRO A 13 7.10 9.20 -6.32
C PRO A 13 6.84 9.56 -4.86
N ILE A 14 7.79 10.25 -4.25
CA ILE A 14 7.66 10.66 -2.86
C ILE A 14 8.13 12.10 -2.66
N PRO A 15 7.22 13.00 -2.22
CA PRO A 15 7.56 14.41 -2.00
C PRO A 15 8.47 14.61 -0.79
N PRO A 16 9.30 15.66 -0.81
CA PRO A 16 10.23 15.95 0.30
C PRO A 16 9.50 16.43 1.55
N LEU A 17 8.33 17.02 1.35
CA LEU A 17 7.52 17.53 2.46
C LEU A 17 6.83 16.38 3.19
N GLY A 18 7.55 15.74 4.10
CA GLY A 18 6.98 14.64 4.85
C GLY A 18 7.63 13.31 4.51
N ILE A 19 7.82 12.46 5.52
CA ILE A 19 8.43 11.15 5.31
C ILE A 19 7.36 10.08 5.10
N CYS A 20 7.40 9.00 5.88
CA CYS A 20 6.43 7.93 5.75
C CYS A 20 5.62 7.78 7.04
N LYS A 21 4.51 7.06 6.95
CA LYS A 21 3.64 6.82 8.10
C LYS A 21 2.48 5.92 7.75
N THR A 22 2.17 4.98 8.63
CA THR A 22 1.07 4.05 8.41
C THR A 22 -0.25 4.80 8.21
N LEU A 23 -1.26 4.10 7.69
CA LEU A 23 -2.56 4.71 7.46
C LEU A 23 -3.67 3.66 7.51
N CYS A 24 -3.44 2.53 6.85
CA CYS A 24 -4.43 1.46 6.82
C CYS A 24 -3.99 0.27 7.68
N ASN A 25 -4.90 -0.68 7.87
CA ASN A 25 -4.60 -1.86 8.67
C ASN A 25 -4.56 -3.11 7.78
N SER A 26 -5.21 -3.03 6.62
CA SER A 26 -5.24 -4.15 5.69
C SER A 26 -5.98 -3.77 4.42
N ASP A 27 -6.05 -4.72 3.48
CA ASP A 27 -6.74 -4.50 2.21
C ASP A 27 -8.09 -3.80 2.42
N SER A 28 -8.96 -4.44 3.20
CA SER A 28 -10.27 -3.89 3.48
C SER A 28 -10.15 -2.54 4.19
N GLY A 29 -8.98 -2.30 4.79
CA GLY A 29 -8.74 -1.06 5.49
C GLY A 29 -8.73 0.13 4.55
N CYS A 30 -7.90 0.05 3.54
CA CYS A 30 -7.78 1.14 2.56
C CYS A 30 -9.11 1.38 1.87
N PRO A 31 -9.36 2.64 1.47
CA PRO A 31 -10.61 3.01 0.81
C PRO A 31 -10.67 2.59 -0.66
N ASN A 32 -11.81 2.90 -1.29
CA ASN A 32 -12.03 2.58 -2.69
C ASN A 32 -11.78 1.10 -2.98
N VAL A 33 -10.52 0.76 -3.29
CA VAL A 33 -10.15 -0.61 -3.58
C VAL A 33 -8.63 -0.76 -3.58
N GLN A 34 -7.97 0.07 -2.78
CA GLN A 34 -6.53 0.04 -2.68
C GLN A 34 -6.05 -0.99 -1.67
N LYS A 35 -4.95 -1.66 -1.99
CA LYS A 35 -4.39 -2.66 -1.12
C LYS A 35 -3.40 -2.03 -0.15
N CYS A 36 -2.98 -2.78 0.85
CA CYS A 36 -2.04 -2.28 1.83
C CYS A 36 -0.69 -2.98 1.71
N CYS A 37 0.33 -2.21 1.34
CA CYS A 37 1.68 -2.76 1.19
C CYS A 37 2.69 -1.92 1.95
N LYS A 38 3.96 -2.29 1.81
CA LYS A 38 5.05 -1.57 2.48
C LYS A 38 6.15 -1.20 1.50
N ASN A 39 5.89 -0.20 0.67
CA ASN A 39 6.85 0.25 -0.31
C ASN A 39 7.52 1.56 0.12
N GLY A 40 8.73 1.46 0.65
CA GLY A 40 9.44 2.63 1.09
C GLY A 40 9.64 2.67 2.59
N CYS A 41 9.49 3.86 3.18
CA CYS A 41 9.66 4.02 4.61
C CYS A 41 8.32 3.88 5.35
N GLY A 42 7.32 3.36 4.65
CA GLY A 42 6.01 3.18 5.25
C GLY A 42 5.81 1.79 5.82
N PHE A 43 4.69 1.58 6.50
CA PHE A 43 4.38 0.29 7.10
C PHE A 43 3.21 -0.37 6.37
N MET A 44 2.11 0.36 6.25
CA MET A 44 0.92 -0.15 5.57
C MET A 44 0.14 0.99 4.92
N THR A 45 0.53 1.34 3.70
CA THR A 45 -0.13 2.41 2.97
C THR A 45 -0.92 1.85 1.79
N CYS A 46 -1.80 2.67 1.22
CA CYS A 46 -2.62 2.26 0.10
C CYS A 46 -1.81 2.24 -1.19
N THR A 47 -2.01 1.20 -1.98
CA THR A 47 -1.32 1.04 -3.25
C THR A 47 -2.25 0.50 -4.32
N THR A 48 -2.01 0.89 -5.57
CA THR A 48 -2.84 0.45 -6.68
C THR A 48 -2.83 -1.08 -6.79
N PRO A 49 -4.02 -1.71 -6.87
CA PRO A 49 -4.14 -3.17 -6.98
C PRO A 49 -3.65 -3.69 -8.33
N VAL A 50 -2.75 -4.65 -8.29
CA VAL A 50 -2.20 -5.24 -9.51
C VAL A 50 -2.76 -6.65 -9.75
N PRO A 51 -3.15 -6.97 -10.98
CA PRO A 51 -3.71 -8.28 -11.32
C PRO A 51 -2.64 -9.37 -11.33
N ASN A 1 -7.78 -14.45 2.40
CA ASN A 1 -7.99 -13.00 2.52
C ASN A 1 -7.48 -12.25 1.29
N GLU A 2 -8.33 -11.42 0.71
CA GLU A 2 -7.98 -10.64 -0.47
C GLU A 2 -9.20 -9.90 -1.02
N LYS A 3 -8.95 -8.81 -1.73
CA LYS A 3 -10.03 -8.00 -2.30
C LYS A 3 -10.19 -8.32 -3.79
N SER A 4 -9.11 -8.21 -4.54
CA SER A 4 -9.13 -8.46 -5.97
C SER A 4 -7.75 -8.89 -6.48
N GLY A 5 -6.83 -7.93 -6.50
CA GLY A 5 -5.48 -8.21 -6.97
C GLY A 5 -4.53 -8.48 -5.82
N SER A 6 -3.36 -7.87 -5.89
CA SER A 6 -2.35 -8.03 -4.86
C SER A 6 -1.48 -6.79 -4.74
N CYS A 7 -0.37 -6.92 -4.03
CA CYS A 7 0.57 -5.82 -3.82
C CYS A 7 1.52 -5.70 -5.01
N PRO A 8 1.83 -4.45 -5.43
CA PRO A 8 2.74 -4.21 -6.56
C PRO A 8 4.18 -4.57 -6.22
N ASP A 9 5.03 -4.64 -7.24
CA ASP A 9 6.44 -4.97 -7.06
C ASP A 9 7.33 -4.04 -7.87
N MET A 10 6.86 -2.81 -8.07
CA MET A 10 7.62 -1.82 -8.83
C MET A 10 7.56 -0.45 -8.16
N SER A 11 6.43 0.23 -8.31
CA SER A 11 6.25 1.55 -7.72
C SER A 11 7.38 2.49 -8.09
N MET A 12 7.40 3.67 -7.48
CA MET A 12 8.44 4.65 -7.75
C MET A 12 8.22 5.92 -6.91
N PRO A 13 7.01 6.51 -6.98
CA PRO A 13 6.69 7.72 -6.22
C PRO A 13 6.79 7.50 -4.71
N ILE A 14 7.48 8.40 -4.04
CA ILE A 14 7.65 8.31 -2.60
C ILE A 14 7.27 9.62 -1.90
N PRO A 15 6.16 9.61 -1.12
CA PRO A 15 5.70 10.81 -0.41
C PRO A 15 6.82 11.47 0.41
N PRO A 16 7.33 12.62 -0.06
CA PRO A 16 8.39 13.35 0.65
C PRO A 16 7.92 13.97 1.95
N LEU A 17 6.61 14.17 2.08
CA LEU A 17 6.03 14.76 3.28
C LEU A 17 6.27 13.87 4.50
N GLY A 18 5.68 12.69 4.49
CA GLY A 18 5.84 11.77 5.60
C GLY A 18 6.25 10.38 5.14
N ILE A 19 7.52 10.04 5.37
CA ILE A 19 8.03 8.73 4.98
C ILE A 19 8.02 7.76 6.15
N CYS A 20 7.16 8.02 7.12
CA CYS A 20 7.05 7.15 8.29
C CYS A 20 5.68 7.28 8.95
N LYS A 21 4.66 7.60 8.14
CA LYS A 21 3.31 7.74 8.65
C LYS A 21 2.38 6.71 8.02
N THR A 22 2.01 5.69 8.81
CA THR A 22 1.13 4.63 8.33
C THR A 22 -0.28 5.16 8.09
N LEU A 23 -1.18 4.27 7.71
CA LEU A 23 -2.57 4.65 7.44
C LEU A 23 -3.50 3.44 7.45
N CYS A 24 -3.24 2.50 6.55
CA CYS A 24 -4.05 1.29 6.46
C CYS A 24 -3.42 0.13 7.23
N ASN A 25 -4.20 -0.91 7.48
CA ASN A 25 -3.73 -2.08 8.19
C ASN A 25 -3.79 -3.33 7.31
N SER A 26 -4.47 -3.22 6.17
CA SER A 26 -4.61 -4.34 5.24
C SER A 26 -5.51 -3.95 4.07
N ASP A 27 -5.67 -4.88 3.14
CA ASP A 27 -6.51 -4.65 1.96
C ASP A 27 -7.88 -4.12 2.37
N SER A 28 -8.47 -4.75 3.37
CA SER A 28 -9.79 -4.34 3.86
C SER A 28 -9.71 -2.96 4.51
N GLY A 29 -8.50 -2.57 4.92
CA GLY A 29 -8.31 -1.29 5.55
C GLY A 29 -8.42 -0.14 4.58
N CYS A 30 -7.79 -0.30 3.42
CA CYS A 30 -7.82 0.72 2.38
C CYS A 30 -9.19 0.81 1.74
N PRO A 31 -9.68 2.04 1.49
CA PRO A 31 -10.98 2.24 0.91
C PRO A 31 -10.98 2.20 -0.61
N ASN A 32 -12.10 2.59 -1.21
CA ASN A 32 -12.26 2.61 -2.66
C ASN A 32 -11.88 1.26 -3.27
N VAL A 33 -10.61 1.09 -3.63
CA VAL A 33 -10.15 -0.16 -4.23
C VAL A 33 -8.63 -0.26 -4.13
N GLN A 34 -8.06 0.44 -3.15
CA GLN A 34 -6.62 0.43 -2.95
C GLN A 34 -6.19 -0.67 -1.98
N LYS A 35 -5.03 -1.24 -2.22
CA LYS A 35 -4.51 -2.31 -1.37
C LYS A 35 -3.69 -1.72 -0.23
N CYS A 36 -3.21 -2.58 0.66
CA CYS A 36 -2.41 -2.13 1.79
C CYS A 36 -1.05 -2.83 1.81
N CYS A 37 -0.01 -2.13 1.39
CA CYS A 37 1.33 -2.69 1.35
C CYS A 37 2.34 -1.73 1.99
N LYS A 38 3.61 -2.10 1.91
CA LYS A 38 4.68 -1.28 2.48
C LYS A 38 5.27 -0.37 1.41
N ASN A 39 6.47 0.16 1.69
CA ASN A 39 7.15 1.05 0.77
C ASN A 39 8.50 1.48 1.34
N GLY A 40 8.54 1.73 2.64
CA GLY A 40 9.77 2.15 3.29
C GLY A 40 9.56 2.49 4.75
N CYS A 41 10.66 2.74 5.46
CA CYS A 41 10.60 3.09 6.87
C CYS A 41 9.99 1.93 7.68
N GLY A 42 8.66 1.85 7.68
CA GLY A 42 7.99 0.80 8.42
C GLY A 42 6.53 1.14 8.69
N PHE A 43 5.68 0.92 7.69
CA PHE A 43 4.26 1.20 7.83
C PHE A 43 3.45 0.51 6.73
N MET A 44 2.15 0.77 6.71
CA MET A 44 1.27 0.18 5.70
C MET A 44 0.37 1.24 5.08
N THR A 45 0.69 1.64 3.84
CA THR A 45 -0.09 2.64 3.14
C THR A 45 -0.91 2.00 2.02
N CYS A 46 -1.73 2.80 1.36
CA CYS A 46 -2.57 2.32 0.27
C CYS A 46 -1.80 2.33 -1.04
N THR A 47 -2.10 1.36 -1.90
CA THR A 47 -1.44 1.25 -3.20
C THR A 47 -2.44 0.84 -4.28
N THR A 48 -1.97 0.81 -5.52
CA THR A 48 -2.81 0.42 -6.65
C THR A 48 -2.77 -1.09 -6.85
N PRO A 49 -3.94 -1.75 -6.83
CA PRO A 49 -4.03 -3.20 -7.01
C PRO A 49 -3.32 -3.68 -8.27
N VAL A 50 -2.61 -4.79 -8.17
CA VAL A 50 -1.90 -5.36 -9.31
C VAL A 50 -2.31 -6.80 -9.57
N PRO A 51 -2.50 -7.17 -10.85
CA PRO A 51 -2.89 -8.54 -11.22
C PRO A 51 -1.99 -9.59 -10.60
N ASN A 1 -8.72 -8.09 3.47
CA ASN A 1 -8.34 -9.43 2.95
C ASN A 1 -8.37 -9.46 1.43
N GLU A 2 -8.09 -10.63 0.86
CA GLU A 2 -8.08 -10.81 -0.59
C GLU A 2 -9.26 -10.11 -1.25
N LYS A 3 -9.00 -8.95 -1.84
CA LYS A 3 -10.04 -8.18 -2.50
C LYS A 3 -10.15 -8.56 -3.97
N SER A 4 -9.11 -8.23 -4.75
CA SER A 4 -9.09 -8.56 -6.17
C SER A 4 -7.70 -9.01 -6.60
N GLY A 5 -6.72 -8.11 -6.46
CA GLY A 5 -5.36 -8.44 -6.85
C GLY A 5 -4.45 -8.61 -5.65
N SER A 6 -3.27 -8.02 -5.73
CA SER A 6 -2.30 -8.10 -4.64
C SER A 6 -1.43 -6.84 -4.59
N CYS A 7 -0.32 -6.93 -3.88
CA CYS A 7 0.60 -5.82 -3.74
C CYS A 7 1.50 -5.70 -4.97
N PRO A 8 1.76 -4.46 -5.44
CA PRO A 8 2.61 -4.23 -6.61
C PRO A 8 4.01 -4.83 -6.44
N ASP A 9 4.95 -4.37 -7.24
CA ASP A 9 6.33 -4.86 -7.17
C ASP A 9 7.33 -3.73 -7.35
N MET A 10 7.11 -2.89 -8.37
CA MET A 10 8.00 -1.77 -8.63
C MET A 10 7.30 -0.44 -8.39
N SER A 11 5.98 -0.42 -8.58
CA SER A 11 5.20 0.79 -8.38
C SER A 11 5.64 1.89 -9.34
N MET A 12 4.71 2.34 -10.18
CA MET A 12 4.99 3.38 -11.15
C MET A 12 5.06 4.76 -10.48
N PRO A 13 3.95 5.19 -9.87
CA PRO A 13 3.87 6.49 -9.19
C PRO A 13 4.63 6.50 -7.87
N ILE A 14 5.39 7.57 -7.63
CA ILE A 14 6.16 7.71 -6.41
C ILE A 14 6.10 9.15 -5.87
N PRO A 15 5.01 9.50 -5.18
CA PRO A 15 4.83 10.85 -4.63
C PRO A 15 5.78 11.14 -3.47
N PRO A 16 6.54 12.25 -3.54
CA PRO A 16 7.48 12.62 -2.49
C PRO A 16 6.79 13.17 -1.24
N LEU A 17 5.62 13.76 -1.45
CA LEU A 17 4.85 14.33 -0.34
C LEU A 17 4.55 13.27 0.72
N GLY A 18 5.04 13.50 1.93
CA GLY A 18 4.82 12.57 3.01
C GLY A 18 5.46 11.22 2.75
N ILE A 19 6.39 10.84 3.62
CA ILE A 19 7.08 9.56 3.48
C ILE A 19 6.36 8.47 4.28
N CYS A 20 7.08 7.75 5.14
CA CYS A 20 6.48 6.70 5.94
C CYS A 20 5.29 7.22 6.76
N LYS A 21 4.11 6.68 6.48
CA LYS A 21 2.90 7.10 7.18
C LYS A 21 1.85 6.00 7.15
N THR A 22 1.94 5.06 8.07
CA THR A 22 0.98 3.95 8.13
C THR A 22 -0.44 4.46 8.32
N LEU A 23 -1.26 4.29 7.28
CA LEU A 23 -2.64 4.75 7.34
C LEU A 23 -3.61 3.57 7.28
N CYS A 24 -3.16 2.45 6.71
CA CYS A 24 -4.00 1.26 6.59
C CYS A 24 -3.39 0.08 7.33
N ASN A 25 -4.21 -0.93 7.60
CA ASN A 25 -3.75 -2.14 8.28
C ASN A 25 -3.85 -3.36 7.37
N SER A 26 -4.58 -3.23 6.27
CA SER A 26 -4.75 -4.32 5.32
C SER A 26 -5.66 -3.92 4.18
N ASP A 27 -5.87 -4.84 3.24
CA ASP A 27 -6.72 -4.58 2.09
C ASP A 27 -8.06 -4.01 2.53
N SER A 28 -8.68 -4.65 3.52
CA SER A 28 -9.96 -4.19 4.04
C SER A 28 -9.83 -2.80 4.66
N GLY A 29 -8.61 -2.44 5.04
CA GLY A 29 -8.37 -1.14 5.64
C GLY A 29 -8.43 -0.02 4.63
N CYS A 30 -7.87 -0.27 3.46
CA CYS A 30 -7.86 0.72 2.38
C CYS A 30 -9.21 0.80 1.70
N PRO A 31 -9.61 2.03 1.31
CA PRO A 31 -10.90 2.25 0.67
C PRO A 31 -10.87 2.05 -0.84
N ASN A 32 -11.96 2.42 -1.49
CA ASN A 32 -12.10 2.30 -2.94
C ASN A 32 -11.68 0.90 -3.42
N VAL A 33 -10.42 0.75 -3.82
CA VAL A 33 -9.91 -0.52 -4.29
C VAL A 33 -8.40 -0.60 -4.12
N GLN A 34 -7.87 0.25 -3.24
CA GLN A 34 -6.45 0.29 -2.97
C GLN A 34 -6.05 -0.76 -1.93
N LYS A 35 -4.89 -1.36 -2.13
CA LYS A 35 -4.40 -2.38 -1.22
C LYS A 35 -3.58 -1.74 -0.11
N CYS A 36 -3.19 -2.54 0.87
CA CYS A 36 -2.41 -2.03 1.98
C CYS A 36 -0.97 -2.55 1.92
N CYS A 37 -0.12 -1.82 1.20
CA CYS A 37 1.28 -2.21 1.05
C CYS A 37 2.19 -1.00 1.25
N LYS A 38 3.48 -1.21 1.07
CA LYS A 38 4.47 -0.15 1.22
C LYS A 38 5.40 -0.10 0.02
N ASN A 39 6.56 0.54 0.19
CA ASN A 39 7.54 0.63 -0.89
C ASN A 39 8.96 0.54 -0.34
N GLY A 40 9.23 1.27 0.74
CA GLY A 40 10.55 1.25 1.34
C GLY A 40 10.53 0.91 2.81
N CYS A 41 10.52 1.94 3.66
CA CYS A 41 10.51 1.76 5.10
C CYS A 41 9.31 0.91 5.54
N GLY A 42 9.19 0.71 6.85
CA GLY A 42 8.10 -0.08 7.38
C GLY A 42 6.75 0.58 7.17
N PHE A 43 5.88 0.50 8.17
CA PHE A 43 4.55 1.09 8.08
C PHE A 43 3.76 0.46 6.95
N MET A 44 2.53 0.92 6.76
CA MET A 44 1.67 0.39 5.70
C MET A 44 0.70 1.44 5.19
N THR A 45 0.79 1.75 3.89
CA THR A 45 -0.08 2.74 3.27
C THR A 45 -0.86 2.10 2.12
N CYS A 46 -1.78 2.87 1.54
CA CYS A 46 -2.58 2.37 0.43
C CYS A 46 -1.80 2.46 -0.88
N THR A 47 -2.04 1.48 -1.74
CA THR A 47 -1.37 1.41 -3.03
C THR A 47 -2.33 0.95 -4.12
N THR A 48 -1.82 0.88 -5.35
CA THR A 48 -2.63 0.46 -6.49
C THR A 48 -2.67 -1.07 -6.58
N PRO A 49 -3.86 -1.66 -6.80
CA PRO A 49 -4.01 -3.11 -6.91
C PRO A 49 -3.42 -3.66 -8.20
N VAL A 50 -2.58 -4.69 -8.06
CA VAL A 50 -1.94 -5.31 -9.21
C VAL A 50 -2.61 -6.63 -9.58
N PRO A 51 -2.86 -6.88 -10.87
CA PRO A 51 -3.50 -8.13 -11.33
C PRO A 51 -2.58 -9.33 -11.18
N ASN A 1 -9.38 -13.19 2.72
CA ASN A 1 -8.45 -12.04 2.55
C ASN A 1 -8.40 -11.58 1.09
N GLU A 2 -7.55 -10.58 0.84
CA GLU A 2 -7.39 -10.03 -0.51
C GLU A 2 -8.72 -9.55 -1.08
N LYS A 3 -8.65 -8.51 -1.91
CA LYS A 3 -9.85 -7.95 -2.53
C LYS A 3 -9.96 -8.42 -3.98
N SER A 4 -8.90 -8.23 -4.75
CA SER A 4 -8.89 -8.63 -6.15
C SER A 4 -7.51 -9.13 -6.57
N GLY A 5 -6.57 -8.20 -6.72
CA GLY A 5 -5.22 -8.56 -7.11
C GLY A 5 -4.31 -8.76 -5.93
N SER A 6 -3.13 -8.17 -6.00
CA SER A 6 -2.15 -8.27 -4.93
C SER A 6 -1.28 -7.02 -4.88
N CYS A 7 -0.28 -7.04 -4.01
CA CYS A 7 0.64 -5.92 -3.86
C CYS A 7 1.64 -5.87 -5.02
N PRO A 8 1.92 -4.67 -5.54
CA PRO A 8 2.87 -4.50 -6.66
C PRO A 8 4.30 -4.81 -6.24
N ASP A 9 5.18 -4.95 -7.22
CA ASP A 9 6.58 -5.25 -6.97
C ASP A 9 7.22 -4.17 -6.10
N MET A 10 8.51 -4.30 -5.86
CA MET A 10 9.25 -3.33 -5.04
C MET A 10 9.37 -2.00 -5.77
N SER A 11 10.14 -1.98 -6.85
CA SER A 11 10.35 -0.77 -7.63
C SER A 11 10.84 0.38 -6.76
N MET A 12 11.47 0.04 -5.64
CA MET A 12 11.99 1.05 -4.72
C MET A 12 12.62 0.39 -3.48
N PRO A 13 13.69 0.99 -2.94
CA PRO A 13 14.37 0.46 -1.75
C PRO A 13 13.55 0.64 -0.48
N ILE A 14 13.99 -0.01 0.59
CA ILE A 14 13.30 0.10 1.88
C ILE A 14 13.71 1.37 2.62
N PRO A 15 12.77 2.33 2.77
CA PRO A 15 13.06 3.59 3.47
C PRO A 15 13.24 3.40 4.97
N PRO A 16 14.47 3.58 5.48
CA PRO A 16 14.76 3.42 6.91
C PRO A 16 14.35 4.64 7.73
N LEU A 17 14.35 5.80 7.07
CA LEU A 17 13.97 7.04 7.75
C LEU A 17 12.46 7.14 7.91
N GLY A 18 12.02 8.14 8.68
CA GLY A 18 10.60 8.33 8.90
C GLY A 18 9.82 8.51 7.62
N ILE A 19 9.70 9.75 7.17
CA ILE A 19 8.98 10.07 5.95
C ILE A 19 7.59 9.45 5.95
N CYS A 20 6.57 10.26 6.21
CA CYS A 20 5.19 9.80 6.24
C CYS A 20 5.02 8.65 7.23
N LYS A 21 3.76 8.34 7.54
CA LYS A 21 3.45 7.25 8.47
C LYS A 21 2.38 6.33 7.90
N THR A 22 2.15 5.21 8.58
CA THR A 22 1.15 4.24 8.15
C THR A 22 -0.25 4.86 8.17
N LEU A 23 -1.24 4.06 7.79
CA LEU A 23 -2.63 4.53 7.77
C LEU A 23 -3.60 3.36 7.69
N CYS A 24 -3.28 2.38 6.85
CA CYS A 24 -4.14 1.21 6.68
C CYS A 24 -3.53 0.00 7.39
N ASN A 25 -4.39 -0.98 7.69
CA ASN A 25 -3.94 -2.20 8.36
C ASN A 25 -4.03 -3.40 7.43
N SER A 26 -4.74 -3.24 6.31
CA SER A 26 -4.90 -4.31 5.34
C SER A 26 -5.79 -3.87 4.18
N ASP A 27 -5.99 -4.77 3.23
CA ASP A 27 -6.82 -4.49 2.07
C ASP A 27 -8.17 -3.88 2.48
N SER A 28 -8.84 -4.56 3.40
CA SER A 28 -10.13 -4.09 3.89
C SER A 28 -9.99 -2.74 4.59
N GLY A 29 -8.77 -2.43 5.01
CA GLY A 29 -8.51 -1.17 5.70
C GLY A 29 -8.47 0.00 4.74
N CYS A 30 -7.95 -0.24 3.55
CA CYS A 30 -7.85 0.80 2.53
C CYS A 30 -9.20 1.06 1.88
N PRO A 31 -9.43 2.31 1.47
CA PRO A 31 -10.70 2.70 0.85
C PRO A 31 -10.77 2.37 -0.64
N ASN A 32 -11.87 2.77 -1.26
CA ASN A 32 -12.09 2.53 -2.68
C ASN A 32 -11.77 1.09 -3.07
N VAL A 33 -10.57 0.85 -3.60
CA VAL A 33 -10.15 -0.47 -4.01
C VAL A 33 -8.64 -0.63 -3.87
N GLN A 34 -8.02 0.28 -3.12
CA GLN A 34 -6.59 0.26 -2.92
C GLN A 34 -6.20 -0.76 -1.85
N LYS A 35 -5.06 -1.41 -2.06
CA LYS A 35 -4.58 -2.41 -1.13
C LYS A 35 -3.71 -1.75 -0.06
N CYS A 36 -3.30 -2.54 0.92
CA CYS A 36 -2.46 -2.02 2.00
C CYS A 36 -1.07 -2.64 1.95
N CYS A 37 -0.12 -1.92 1.36
CA CYS A 37 1.24 -2.39 1.25
C CYS A 37 2.24 -1.29 1.61
N LYS A 38 3.52 -1.59 1.44
CA LYS A 38 4.57 -0.62 1.75
C LYS A 38 5.09 0.05 0.49
N ASN A 39 4.33 1.00 -0.03
CA ASN A 39 4.70 1.72 -1.24
C ASN A 39 4.19 3.15 -1.21
N GLY A 40 4.96 4.08 -1.78
CA GLY A 40 4.55 5.47 -1.81
C GLY A 40 5.36 6.32 -0.84
N CYS A 41 5.16 6.09 0.46
CA CYS A 41 5.87 6.84 1.48
C CYS A 41 6.16 5.97 2.70
N GLY A 42 6.63 4.75 2.44
CA GLY A 42 6.95 3.84 3.52
C GLY A 42 5.74 3.51 4.38
N PHE A 43 5.94 2.70 5.41
CA PHE A 43 4.86 2.32 6.31
C PHE A 43 3.76 1.58 5.55
N MET A 44 2.69 1.24 6.25
CA MET A 44 1.57 0.53 5.64
C MET A 44 0.54 1.51 5.08
N THR A 45 0.74 1.90 3.82
CA THR A 45 -0.18 2.83 3.17
C THR A 45 -0.99 2.13 2.09
N CYS A 46 -1.81 2.90 1.37
CA CYS A 46 -2.64 2.34 0.31
C CYS A 46 -1.90 2.38 -1.03
N THR A 47 -2.16 1.38 -1.84
CA THR A 47 -1.53 1.29 -3.16
C THR A 47 -2.51 0.79 -4.22
N THR A 48 -2.03 0.69 -5.45
CA THR A 48 -2.87 0.22 -6.56
C THR A 48 -2.78 -1.29 -6.69
N PRO A 49 -3.93 -1.97 -6.87
CA PRO A 49 -3.97 -3.43 -7.01
C PRO A 49 -3.47 -3.89 -8.38
N VAL A 50 -2.58 -4.87 -8.37
CA VAL A 50 -2.03 -5.41 -9.61
C VAL A 50 -2.56 -6.82 -9.89
N PRO A 51 -2.95 -7.11 -11.14
CA PRO A 51 -3.47 -8.42 -11.53
C PRO A 51 -2.39 -9.50 -11.54
N ASN A 1 -9.94 -10.13 3.82
CA ASN A 1 -8.61 -10.32 3.18
C ASN A 1 -8.76 -10.60 1.69
N GLU A 2 -7.78 -10.16 0.90
CA GLU A 2 -7.80 -10.37 -0.53
C GLU A 2 -9.02 -9.71 -1.16
N LYS A 3 -8.80 -8.56 -1.82
CA LYS A 3 -9.89 -7.83 -2.46
C LYS A 3 -10.06 -8.28 -3.90
N SER A 4 -9.00 -8.12 -4.70
CA SER A 4 -9.04 -8.50 -6.11
C SER A 4 -7.67 -8.95 -6.59
N GLY A 5 -6.70 -8.04 -6.50
CA GLY A 5 -5.35 -8.35 -6.93
C GLY A 5 -4.39 -8.52 -5.76
N SER A 6 -3.22 -7.92 -5.87
CA SER A 6 -2.22 -8.00 -4.82
C SER A 6 -1.35 -6.74 -4.79
N CYS A 7 -0.22 -6.84 -4.12
CA CYS A 7 0.70 -5.71 -4.01
C CYS A 7 1.50 -5.52 -5.29
N PRO A 8 1.70 -4.27 -5.75
CA PRO A 8 2.44 -3.98 -6.96
C PRO A 8 3.96 -3.94 -6.73
N ASP A 9 4.71 -4.23 -7.78
CA ASP A 9 6.16 -4.22 -7.69
C ASP A 9 6.77 -3.03 -8.42
N MET A 10 6.59 -3.00 -9.74
CA MET A 10 7.10 -1.91 -10.55
C MET A 10 5.97 -1.17 -11.26
N SER A 11 5.96 0.15 -11.12
CA SER A 11 4.94 0.99 -11.74
C SER A 11 4.95 2.39 -11.16
N MET A 12 4.20 3.30 -11.76
CA MET A 12 4.12 4.68 -11.29
C MET A 12 5.48 5.36 -11.40
N PRO A 13 5.79 5.94 -12.58
CA PRO A 13 7.06 6.62 -12.82
C PRO A 13 7.16 7.95 -12.07
N ILE A 14 6.01 8.46 -11.62
CA ILE A 14 5.98 9.72 -10.89
C ILE A 14 6.56 9.56 -9.49
N PRO A 15 7.41 10.52 -9.06
CA PRO A 15 8.02 10.47 -7.73
C PRO A 15 7.05 10.81 -6.61
N PRO A 16 6.69 9.82 -5.77
CA PRO A 16 5.77 10.02 -4.66
C PRO A 16 6.46 10.52 -3.40
N LEU A 17 7.33 11.51 -3.56
CA LEU A 17 8.07 12.08 -2.44
C LEU A 17 7.15 12.38 -1.26
N GLY A 18 7.18 11.52 -0.24
CA GLY A 18 6.35 11.72 0.93
C GLY A 18 5.30 10.64 1.08
N ILE A 19 5.67 9.55 1.73
CA ILE A 19 4.75 8.44 1.96
C ILE A 19 4.91 7.88 3.37
N CYS A 20 5.31 8.74 4.30
CA CYS A 20 5.50 8.33 5.68
C CYS A 20 4.18 8.31 6.45
N LYS A 21 4.23 7.90 7.71
CA LYS A 21 3.04 7.83 8.54
C LYS A 21 2.07 6.79 8.02
N THR A 22 1.77 5.78 8.84
CA THR A 22 0.85 4.71 8.46
C THR A 22 -0.51 5.28 8.09
N LEU A 23 -1.42 4.42 7.66
CA LEU A 23 -2.76 4.84 7.28
C LEU A 23 -3.76 3.70 7.37
N CYS A 24 -3.39 2.54 6.82
CA CYS A 24 -4.28 1.38 6.85
C CYS A 24 -3.66 0.24 7.65
N ASN A 25 -4.45 -0.82 7.84
CA ASN A 25 -4.00 -1.99 8.58
C ASN A 25 -4.13 -3.26 7.74
N SER A 26 -4.69 -3.14 6.54
CA SER A 26 -4.87 -4.27 5.65
C SER A 26 -5.71 -3.89 4.43
N ASP A 27 -5.77 -4.80 3.47
CA ASP A 27 -6.54 -4.58 2.23
C ASP A 27 -7.90 -3.96 2.54
N SER A 28 -8.70 -4.66 3.34
CA SER A 28 -10.02 -4.17 3.70
C SER A 28 -9.92 -2.82 4.41
N GLY A 29 -8.75 -2.53 4.94
CA GLY A 29 -8.53 -1.27 5.64
C GLY A 29 -8.60 -0.09 4.71
N CYS A 30 -7.78 -0.11 3.68
CA CYS A 30 -7.73 0.98 2.70
C CYS A 30 -9.07 1.12 2.01
N PRO A 31 -9.42 2.35 1.60
CA PRO A 31 -10.68 2.63 0.94
C PRO A 31 -10.68 2.31 -0.55
N ASN A 32 -11.77 2.68 -1.21
CA ASN A 32 -11.94 2.45 -2.64
C ASN A 32 -11.65 0.99 -3.01
N VAL A 33 -10.46 0.72 -3.52
CA VAL A 33 -10.08 -0.62 -3.91
C VAL A 33 -8.56 -0.77 -3.84
N GLN A 34 -7.93 0.10 -3.07
CA GLN A 34 -6.48 0.07 -2.93
C GLN A 34 -6.05 -0.94 -1.89
N LYS A 35 -4.93 -1.62 -2.14
CA LYS A 35 -4.41 -2.62 -1.23
C LYS A 35 -3.45 -1.99 -0.24
N CYS A 36 -2.97 -2.78 0.71
CA CYS A 36 -2.04 -2.28 1.71
C CYS A 36 -0.68 -2.98 1.61
N CYS A 37 0.35 -2.20 1.30
CA CYS A 37 1.70 -2.75 1.18
C CYS A 37 2.72 -1.85 1.87
N LYS A 38 3.98 -2.22 1.76
CA LYS A 38 5.06 -1.45 2.39
C LYS A 38 5.68 -0.46 1.41
N ASN A 39 4.83 0.19 0.62
CA ASN A 39 5.30 1.17 -0.36
C ASN A 39 5.36 2.56 0.25
N GLY A 40 6.08 2.69 1.36
CA GLY A 40 6.21 3.97 2.02
C GLY A 40 7.37 4.01 3.01
N CYS A 41 7.05 4.30 4.27
CA CYS A 41 8.07 4.36 5.31
C CYS A 41 8.14 3.05 6.09
N GLY A 42 7.75 1.97 5.44
CA GLY A 42 7.77 0.67 6.09
C GLY A 42 6.41 0.24 6.61
N PHE A 43 5.54 1.23 6.84
CA PHE A 43 4.20 0.95 7.34
C PHE A 43 3.30 0.42 6.24
N MET A 44 2.00 0.36 6.50
CA MET A 44 1.04 -0.13 5.53
C MET A 44 0.19 1.01 4.96
N THR A 45 0.41 1.31 3.69
CA THR A 45 -0.33 2.37 3.02
C THR A 45 -1.07 1.84 1.80
N CYS A 46 -1.98 2.65 1.27
CA CYS A 46 -2.76 2.27 0.09
C CYS A 46 -1.89 2.28 -1.16
N THR A 47 -2.06 1.25 -1.98
CA THR A 47 -1.31 1.12 -3.22
C THR A 47 -2.18 0.59 -4.35
N THR A 48 -1.74 0.79 -5.58
CA THR A 48 -2.48 0.34 -6.74
C THR A 48 -2.50 -1.18 -6.82
N PRO A 49 -3.69 -1.79 -6.97
CA PRO A 49 -3.83 -3.25 -7.05
C PRO A 49 -3.33 -3.80 -8.39
N VAL A 50 -2.51 -4.84 -8.32
CA VAL A 50 -1.97 -5.47 -9.51
C VAL A 50 -2.58 -6.85 -9.74
N PRO A 51 -2.97 -7.17 -10.99
CA PRO A 51 -3.56 -8.46 -11.34
C PRO A 51 -2.56 -9.61 -11.24
N ASN A 1 -8.24 -10.07 3.93
CA ASN A 1 -7.11 -10.67 3.18
C ASN A 1 -7.52 -11.05 1.76
N GLU A 2 -6.75 -10.58 0.78
CA GLU A 2 -7.03 -10.87 -0.62
C GLU A 2 -8.40 -10.32 -1.02
N LYS A 3 -8.40 -9.15 -1.63
CA LYS A 3 -9.63 -8.51 -2.07
C LYS A 3 -9.93 -8.85 -3.54
N SER A 4 -9.11 -8.31 -4.44
CA SER A 4 -9.28 -8.56 -5.87
C SER A 4 -7.95 -8.90 -6.52
N GLY A 5 -6.97 -8.01 -6.35
CA GLY A 5 -5.66 -8.26 -6.93
C GLY A 5 -4.62 -8.62 -5.89
N SER A 6 -3.46 -7.99 -5.98
CA SER A 6 -2.38 -8.25 -5.03
C SER A 6 -1.52 -7.00 -4.86
N CYS A 7 -0.40 -7.16 -4.18
CA CYS A 7 0.52 -6.07 -3.94
C CYS A 7 1.46 -5.86 -5.12
N PRO A 8 1.66 -4.61 -5.55
CA PRO A 8 2.55 -4.30 -6.69
C PRO A 8 4.02 -4.45 -6.34
N ASP A 9 4.89 -4.06 -7.27
CA ASP A 9 6.32 -4.14 -7.06
C ASP A 9 6.95 -2.75 -7.00
N MET A 10 6.71 -1.95 -8.04
CA MET A 10 7.26 -0.60 -8.10
C MET A 10 6.27 0.41 -7.51
N SER A 11 6.74 1.19 -6.54
CA SER A 11 5.91 2.20 -5.89
C SER A 11 6.58 2.71 -4.63
N MET A 12 7.01 3.98 -4.66
CA MET A 12 7.66 4.59 -3.51
C MET A 12 7.28 6.06 -3.39
N PRO A 13 6.17 6.35 -2.67
CA PRO A 13 5.71 7.73 -2.48
C PRO A 13 6.80 8.65 -1.96
N ILE A 14 6.48 9.93 -1.82
CA ILE A 14 7.44 10.92 -1.33
C ILE A 14 6.81 11.83 -0.28
N PRO A 15 6.56 11.30 0.93
CA PRO A 15 5.97 12.06 2.03
C PRO A 15 6.93 13.08 2.62
N PRO A 16 6.63 14.39 2.47
CA PRO A 16 7.48 15.46 2.99
C PRO A 16 7.23 15.74 4.47
N LEU A 17 7.11 14.69 5.26
CA LEU A 17 6.87 14.84 6.69
C LEU A 17 8.06 14.32 7.50
N GLY A 18 8.30 13.02 7.41
CA GLY A 18 9.40 12.42 8.14
C GLY A 18 10.11 11.36 7.33
N ILE A 19 10.14 10.13 7.86
CA ILE A 19 10.80 9.02 7.17
C ILE A 19 9.84 7.84 6.98
N CYS A 20 8.60 8.01 7.39
CA CYS A 20 7.59 6.96 7.28
C CYS A 20 6.32 7.34 8.02
N LYS A 21 5.19 6.83 7.54
CA LYS A 21 3.89 7.12 8.16
C LYS A 21 2.85 6.09 7.74
N THR A 22 2.28 5.39 8.72
CA THR A 22 1.26 4.39 8.44
C THR A 22 -0.03 5.04 7.94
N LEU A 23 -1.06 4.22 7.72
CA LEU A 23 -2.34 4.72 7.24
C LEU A 23 -3.42 3.65 7.30
N CYS A 24 -3.16 2.52 6.65
CA CYS A 24 -4.12 1.41 6.63
C CYS A 24 -3.60 0.24 7.46
N ASN A 25 -4.47 -0.74 7.66
CA ASN A 25 -4.13 -1.93 8.44
C ASN A 25 -4.10 -3.17 7.54
N SER A 26 -4.75 -3.08 6.39
CA SER A 26 -4.80 -4.19 5.45
C SER A 26 -5.68 -3.84 4.25
N ASP A 27 -5.83 -4.80 3.34
CA ASP A 27 -6.63 -4.60 2.14
C ASP A 27 -8.02 -4.11 2.50
N SER A 28 -8.60 -4.68 3.55
CA SER A 28 -9.93 -4.29 4.01
C SER A 28 -9.90 -2.90 4.62
N GLY A 29 -8.71 -2.45 5.02
CA GLY A 29 -8.58 -1.13 5.61
C GLY A 29 -8.56 -0.03 4.58
N CYS A 30 -7.99 -0.32 3.42
CA CYS A 30 -7.90 0.66 2.35
C CYS A 30 -9.24 0.83 1.65
N PRO A 31 -9.58 2.08 1.29
CA PRO A 31 -10.85 2.38 0.65
C PRO A 31 -10.80 2.23 -0.87
N ASN A 32 -11.88 2.63 -1.52
CA ASN A 32 -12.00 2.56 -2.98
C ASN A 32 -11.64 1.16 -3.49
N VAL A 33 -10.37 0.96 -3.81
CA VAL A 33 -9.90 -0.32 -4.31
C VAL A 33 -8.38 -0.44 -4.18
N GLN A 34 -7.83 0.31 -3.23
CA GLN A 34 -6.40 0.30 -3.00
C GLN A 34 -6.00 -0.80 -2.01
N LYS A 35 -4.86 -1.42 -2.27
CA LYS A 35 -4.36 -2.48 -1.42
C LYS A 35 -3.47 -1.89 -0.33
N CYS A 36 -3.39 -2.57 0.80
CA CYS A 36 -2.58 -2.09 1.90
C CYS A 36 -1.23 -2.80 1.94
N CYS A 37 -0.23 -2.18 1.34
CA CYS A 37 1.11 -2.76 1.29
C CYS A 37 2.15 -1.78 1.81
N LYS A 38 3.41 -2.17 1.72
CA LYS A 38 4.51 -1.35 2.17
C LYS A 38 4.94 -0.38 1.07
N ASN A 39 6.12 0.20 1.23
CA ASN A 39 6.66 1.13 0.25
C ASN A 39 8.05 1.61 0.65
N GLY A 40 8.19 2.05 1.90
CA GLY A 40 9.47 2.52 2.38
C GLY A 40 10.02 1.67 3.50
N CYS A 41 10.07 2.22 4.70
CA CYS A 41 10.57 1.51 5.86
C CYS A 41 9.83 0.19 6.07
N GLY A 42 8.59 0.15 5.61
CA GLY A 42 7.79 -1.06 5.75
C GLY A 42 6.51 -0.82 6.53
N PHE A 43 5.90 0.33 6.31
CA PHE A 43 4.67 0.67 7.00
C PHE A 43 3.45 0.15 6.23
N MET A 44 2.26 0.60 6.64
CA MET A 44 1.03 0.18 5.99
C MET A 44 0.33 1.35 5.32
N THR A 45 0.36 1.37 3.99
CA THR A 45 -0.26 2.45 3.22
C THR A 45 -1.02 1.89 2.03
N CYS A 46 -1.90 2.69 1.46
CA CYS A 46 -2.69 2.27 0.30
C CYS A 46 -1.93 2.50 -0.99
N THR A 47 -2.04 1.53 -1.89
CA THR A 47 -1.37 1.60 -3.19
C THR A 47 -2.27 1.05 -4.29
N THR A 48 -1.80 1.13 -5.52
CA THR A 48 -2.56 0.64 -6.67
C THR A 48 -2.54 -0.88 -6.72
N PRO A 49 -3.72 -1.52 -6.91
CA PRO A 49 -3.82 -2.98 -6.97
C PRO A 49 -3.26 -3.54 -8.28
N VAL A 50 -2.53 -4.64 -8.18
CA VAL A 50 -1.95 -5.28 -9.36
C VAL A 50 -2.66 -6.59 -9.68
N PRO A 51 -2.94 -6.85 -10.98
CA PRO A 51 -3.62 -8.08 -11.39
C PRO A 51 -2.94 -9.33 -10.86
N ASN A 1 -8.29 -10.68 4.59
CA ASN A 1 -7.23 -9.83 4.01
C ASN A 1 -7.00 -10.16 2.53
N GLU A 2 -7.83 -9.59 1.66
CA GLU A 2 -7.72 -9.81 0.23
C GLU A 2 -8.95 -9.25 -0.50
N LYS A 3 -8.70 -8.46 -1.54
CA LYS A 3 -9.76 -7.86 -2.32
C LYS A 3 -9.82 -8.46 -3.72
N SER A 4 -8.77 -8.22 -4.50
CA SER A 4 -8.70 -8.74 -5.86
C SER A 4 -7.29 -9.23 -6.18
N GLY A 5 -6.33 -8.31 -6.17
CA GLY A 5 -4.96 -8.66 -6.46
C GLY A 5 -4.07 -8.53 -5.24
N SER A 6 -2.89 -7.93 -5.44
CA SER A 6 -1.94 -7.74 -4.35
C SER A 6 -1.10 -6.49 -4.58
N CYS A 7 0.02 -6.40 -3.88
CA CYS A 7 0.92 -5.26 -4.00
C CYS A 7 1.55 -5.21 -5.40
N PRO A 8 1.64 -4.02 -6.00
CA PRO A 8 2.23 -3.85 -7.34
C PRO A 8 3.65 -4.39 -7.42
N ASP A 9 4.60 -3.64 -6.84
CA ASP A 9 6.00 -4.05 -6.85
C ASP A 9 6.80 -3.24 -5.84
N MET A 10 6.15 -2.83 -4.76
CA MET A 10 6.80 -2.04 -3.71
C MET A 10 7.43 -0.78 -4.30
N SER A 11 8.25 -0.10 -3.50
CA SER A 11 8.90 1.13 -3.92
C SER A 11 7.88 2.19 -4.31
N MET A 12 8.37 3.33 -4.81
CA MET A 12 7.49 4.42 -5.21
C MET A 12 6.72 4.98 -4.02
N PRO A 13 7.44 5.44 -2.98
CA PRO A 13 6.81 5.99 -1.78
C PRO A 13 6.19 7.36 -2.03
N ILE A 14 4.88 7.47 -1.79
CA ILE A 14 4.17 8.72 -2.00
C ILE A 14 3.39 9.12 -0.74
N PRO A 15 4.06 9.18 0.42
CA PRO A 15 3.43 9.55 1.68
C PRO A 15 3.18 11.05 1.80
N PRO A 16 1.90 11.47 1.78
CA PRO A 16 1.55 12.89 1.87
C PRO A 16 1.58 13.40 3.31
N LEU A 17 1.03 12.62 4.22
CA LEU A 17 1.01 13.00 5.64
C LEU A 17 1.96 12.12 6.45
N GLY A 18 3.01 12.74 6.99
CA GLY A 18 3.96 11.99 7.79
C GLY A 18 4.79 11.03 6.94
N ILE A 19 6.11 11.04 7.16
CA ILE A 19 7.00 10.16 6.42
C ILE A 19 7.33 8.91 7.23
N CYS A 20 6.39 8.49 8.07
CA CYS A 20 6.58 7.29 8.89
C CYS A 20 5.32 6.99 9.70
N LYS A 21 4.18 6.98 9.02
CA LYS A 21 2.90 6.69 9.68
C LYS A 21 2.02 5.84 8.78
N THR A 22 1.67 4.65 9.25
CA THR A 22 0.82 3.74 8.49
C THR A 22 -0.46 4.43 8.04
N LEU A 23 -1.14 3.82 7.07
CA LEU A 23 -2.38 4.39 6.54
C LEU A 23 -3.57 3.50 6.86
N CYS A 24 -3.45 2.21 6.57
CA CYS A 24 -4.54 1.27 6.83
C CYS A 24 -4.03 0.04 7.59
N ASN A 25 -4.94 -0.89 7.84
CA ASN A 25 -4.59 -2.12 8.57
C ASN A 25 -4.40 -3.29 7.60
N SER A 26 -5.19 -3.30 6.54
CA SER A 26 -5.10 -4.36 5.53
C SER A 26 -5.91 -4.02 4.30
N ASP A 27 -5.98 -4.97 3.37
CA ASP A 27 -6.71 -4.80 2.13
C ASP A 27 -8.07 -4.15 2.36
N SER A 28 -8.87 -4.75 3.24
CA SER A 28 -10.19 -4.22 3.56
C SER A 28 -10.10 -2.88 4.27
N GLY A 29 -8.92 -2.56 4.78
CA GLY A 29 -8.72 -1.31 5.49
C GLY A 29 -8.63 -0.12 4.56
N CYS A 30 -7.92 -0.30 3.46
CA CYS A 30 -7.75 0.78 2.48
C CYS A 30 -9.05 1.11 1.79
N PRO A 31 -9.29 2.39 1.50
CA PRO A 31 -10.52 2.84 0.86
C PRO A 31 -10.61 2.44 -0.61
N ASN A 32 -11.71 2.83 -1.25
CA ASN A 32 -11.95 2.54 -2.66
C ASN A 32 -11.67 1.07 -2.98
N VAL A 33 -10.44 0.79 -3.40
CA VAL A 33 -10.04 -0.57 -3.75
C VAL A 33 -8.53 -0.71 -3.75
N GLN A 34 -7.87 0.13 -2.95
CA GLN A 34 -6.42 0.13 -2.86
C GLN A 34 -5.94 -0.90 -1.84
N LYS A 35 -4.81 -1.52 -2.13
CA LYS A 35 -4.24 -2.52 -1.25
C LYS A 35 -3.23 -1.88 -0.30
N CYS A 36 -3.00 -2.50 0.83
CA CYS A 36 -2.04 -1.97 1.80
C CYS A 36 -0.70 -2.69 1.68
N CYS A 37 0.22 -2.10 0.94
CA CYS A 37 1.53 -2.68 0.73
C CYS A 37 2.60 -1.93 1.51
N LYS A 38 3.73 -2.60 1.72
CA LYS A 38 4.84 -2.01 2.46
C LYS A 38 5.82 -1.32 1.51
N ASN A 39 5.79 0.01 1.53
CA ASN A 39 6.66 0.81 0.67
C ASN A 39 6.89 2.19 1.26
N GLY A 40 7.74 2.27 2.27
CA GLY A 40 8.03 3.56 2.90
C GLY A 40 8.80 3.41 4.20
N CYS A 41 8.14 3.66 5.32
CA CYS A 41 8.77 3.56 6.63
C CYS A 41 8.47 2.22 7.28
N GLY A 42 8.19 1.20 6.46
CA GLY A 42 7.89 -0.12 6.97
C GLY A 42 6.45 -0.26 7.42
N PHE A 43 5.58 0.61 6.92
CA PHE A 43 4.16 0.57 7.28
C PHE A 43 3.32 0.10 6.10
N MET A 44 2.01 0.10 6.28
CA MET A 44 1.09 -0.34 5.24
C MET A 44 0.27 0.83 4.69
N THR A 45 0.61 1.26 3.48
CA THR A 45 -0.09 2.36 2.83
C THR A 45 -0.88 1.88 1.62
N CYS A 46 -1.87 2.66 1.20
CA CYS A 46 -2.70 2.29 0.06
C CYS A 46 -1.94 2.48 -1.26
N THR A 47 -2.04 1.48 -2.11
CA THR A 47 -1.39 1.50 -3.41
C THR A 47 -2.28 0.89 -4.48
N THR A 48 -1.95 1.13 -5.74
CA THR A 48 -2.73 0.60 -6.85
C THR A 48 -2.68 -0.92 -6.87
N PRO A 49 -3.86 -1.58 -6.93
CA PRO A 49 -3.93 -3.04 -6.95
C PRO A 49 -3.44 -3.64 -8.28
N VAL A 50 -2.57 -4.63 -8.18
CA VAL A 50 -2.03 -5.29 -9.37
C VAL A 50 -2.59 -6.70 -9.52
N PRO A 51 -2.92 -7.12 -10.76
CA PRO A 51 -3.47 -8.45 -11.01
C PRO A 51 -2.61 -9.56 -10.42
N ASN A 1 -7.82 -8.15 3.83
CA ASN A 1 -7.61 -9.61 3.75
C ASN A 1 -8.09 -10.18 2.41
N GLU A 2 -7.28 -10.00 1.37
CA GLU A 2 -7.63 -10.49 0.04
C GLU A 2 -8.92 -9.85 -0.46
N LYS A 3 -8.77 -8.84 -1.31
CA LYS A 3 -9.92 -8.13 -1.86
C LYS A 3 -10.17 -8.57 -3.29
N SER A 4 -9.26 -8.20 -4.19
CA SER A 4 -9.40 -8.55 -5.60
C SER A 4 -8.05 -9.00 -6.18
N GLY A 5 -7.06 -8.12 -6.09
CA GLY A 5 -5.73 -8.44 -6.60
C GLY A 5 -4.71 -8.61 -5.50
N SER A 6 -3.55 -8.01 -5.68
CA SER A 6 -2.48 -8.10 -4.70
C SER A 6 -1.61 -6.85 -4.73
N CYS A 7 -0.48 -6.92 -4.05
CA CYS A 7 0.46 -5.81 -3.99
C CYS A 7 1.48 -5.89 -5.12
N PRO A 8 1.84 -4.75 -5.73
CA PRO A 8 2.81 -4.72 -6.83
C PRO A 8 4.18 -5.26 -6.40
N ASP A 9 5.07 -5.44 -7.38
CA ASP A 9 6.41 -5.95 -7.10
C ASP A 9 7.45 -5.21 -7.94
N MET A 10 7.53 -3.90 -7.75
CA MET A 10 8.48 -3.08 -8.49
C MET A 10 8.95 -1.89 -7.65
N SER A 11 9.73 -1.01 -8.25
CA SER A 11 10.25 0.16 -7.57
C SER A 11 11.19 -0.25 -6.43
N MET A 12 12.29 0.47 -6.31
CA MET A 12 13.28 0.18 -5.27
C MET A 12 12.93 0.91 -3.97
N PRO A 13 13.40 0.38 -2.83
CA PRO A 13 13.13 0.97 -1.52
C PRO A 13 13.54 2.44 -1.46
N ILE A 14 12.91 3.19 -0.55
CA ILE A 14 13.21 4.60 -0.40
C ILE A 14 13.51 4.95 1.06
N PRO A 15 14.60 5.69 1.32
CA PRO A 15 14.99 6.09 2.68
C PRO A 15 13.81 6.63 3.49
N PRO A 16 13.28 5.82 4.42
CA PRO A 16 12.15 6.23 5.27
C PRO A 16 12.59 7.04 6.49
N LEU A 17 13.44 8.04 6.26
CA LEU A 17 13.92 8.89 7.34
C LEU A 17 12.85 9.89 7.77
N GLY A 18 11.92 9.42 8.59
CA GLY A 18 10.85 10.29 9.06
C GLY A 18 9.83 10.58 7.98
N ILE A 19 8.66 9.97 8.08
CA ILE A 19 7.60 10.17 7.11
C ILE A 19 6.23 10.34 7.81
N CYS A 20 5.22 9.60 7.34
CA CYS A 20 3.89 9.69 7.94
C CYS A 20 3.73 8.67 9.07
N LYS A 21 2.49 8.44 9.48
CA LYS A 21 2.20 7.48 10.55
C LYS A 21 1.18 6.44 10.07
N THR A 22 1.63 5.54 9.18
CA THR A 22 0.78 4.49 8.65
C THR A 22 -0.60 5.03 8.25
N LEU A 23 -1.53 4.12 7.99
CA LEU A 23 -2.89 4.50 7.61
C LEU A 23 -3.80 3.27 7.51
N CYS A 24 -3.40 2.30 6.70
CA CYS A 24 -4.18 1.08 6.53
C CYS A 24 -3.55 -0.09 7.26
N ASN A 25 -4.35 -1.11 7.53
CA ASN A 25 -3.88 -2.30 8.21
C ASN A 25 -3.87 -3.51 7.29
N SER A 26 -4.54 -3.39 6.15
CA SER A 26 -4.61 -4.46 5.17
C SER A 26 -5.48 -4.08 3.98
N ASP A 27 -5.58 -4.98 3.02
CA ASP A 27 -6.39 -4.75 1.83
C ASP A 27 -7.78 -4.23 2.19
N SER A 28 -8.43 -4.90 3.12
CA SER A 28 -9.76 -4.51 3.57
C SER A 28 -9.71 -3.14 4.26
N GLY A 29 -8.52 -2.76 4.71
CA GLY A 29 -8.36 -1.48 5.37
C GLY A 29 -8.43 -0.31 4.41
N CYS A 30 -7.77 -0.46 3.28
CA CYS A 30 -7.76 0.58 2.26
C CYS A 30 -9.11 0.70 1.57
N PRO A 31 -9.53 1.94 1.28
CA PRO A 31 -10.81 2.19 0.65
C PRO A 31 -10.76 2.11 -0.88
N ASN A 32 -11.87 2.50 -1.52
CA ASN A 32 -11.98 2.49 -2.97
C ASN A 32 -11.55 1.14 -3.56
N VAL A 33 -10.31 1.06 -4.05
CA VAL A 33 -9.80 -0.17 -4.62
C VAL A 33 -8.29 -0.28 -4.40
N GLN A 34 -7.78 0.52 -3.47
CA GLN A 34 -6.37 0.54 -3.16
C GLN A 34 -6.02 -0.55 -2.15
N LYS A 35 -4.86 -1.17 -2.34
CA LYS A 35 -4.41 -2.23 -1.45
C LYS A 35 -3.60 -1.64 -0.30
N CYS A 36 -3.22 -2.48 0.64
CA CYS A 36 -2.43 -2.04 1.79
C CYS A 36 -1.03 -2.64 1.75
N CYS A 37 -0.08 -1.88 1.23
CA CYS A 37 1.29 -2.34 1.13
C CYS A 37 2.27 -1.28 1.65
N LYS A 38 3.56 -1.55 1.48
CA LYS A 38 4.59 -0.62 1.93
C LYS A 38 5.05 0.28 0.78
N ASN A 39 4.13 0.60 -0.11
CA ASN A 39 4.44 1.46 -1.25
C ASN A 39 3.57 2.71 -1.23
N GLY A 40 3.88 3.63 -0.33
CA GLY A 40 3.12 4.86 -0.22
C GLY A 40 3.65 5.78 0.86
N CYS A 41 3.96 5.21 2.02
CA CYS A 41 4.50 5.98 3.13
C CYS A 41 5.77 5.33 3.67
N GLY A 42 5.61 4.28 4.47
CA GLY A 42 6.75 3.59 5.03
C GLY A 42 6.37 2.34 5.80
N PHE A 43 5.26 2.42 6.53
CA PHE A 43 4.80 1.27 7.31
C PHE A 43 3.77 0.47 6.54
N MET A 44 2.54 0.99 6.47
CA MET A 44 1.46 0.30 5.77
C MET A 44 0.46 1.32 5.20
N THR A 45 0.73 1.77 3.98
CA THR A 45 -0.15 2.75 3.34
C THR A 45 -0.92 2.09 2.19
N CYS A 46 -1.71 2.90 1.49
CA CYS A 46 -2.51 2.39 0.37
C CYS A 46 -1.73 2.51 -0.93
N THR A 47 -1.97 1.56 -1.83
CA THR A 47 -1.30 1.54 -3.12
C THR A 47 -2.26 1.11 -4.23
N THR A 48 -1.73 0.98 -5.44
CA THR A 48 -2.54 0.59 -6.58
C THR A 48 -2.65 -0.94 -6.67
N PRO A 49 -3.85 -1.46 -6.96
CA PRO A 49 -4.08 -2.91 -7.06
C PRO A 49 -3.50 -3.50 -8.34
N VAL A 50 -2.71 -4.56 -8.19
CA VAL A 50 -2.09 -5.21 -9.34
C VAL A 50 -2.69 -6.60 -9.57
N PRO A 51 -3.00 -6.94 -10.84
CA PRO A 51 -3.59 -8.24 -11.19
C PRO A 51 -2.60 -9.37 -11.00
N ASN A 1 -10.55 -10.24 3.65
CA ASN A 1 -9.27 -10.79 3.15
C ASN A 1 -9.28 -10.92 1.62
N GLU A 2 -8.25 -10.39 0.98
CA GLU A 2 -8.14 -10.44 -0.47
C GLU A 2 -9.31 -9.71 -1.13
N LYS A 3 -9.01 -8.58 -1.76
CA LYS A 3 -10.05 -7.79 -2.42
C LYS A 3 -10.21 -8.21 -3.88
N SER A 4 -9.07 -8.28 -4.59
CA SER A 4 -9.09 -8.67 -5.99
C SER A 4 -7.71 -9.12 -6.45
N GLY A 5 -6.79 -8.17 -6.56
CA GLY A 5 -5.44 -8.48 -6.98
C GLY A 5 -4.50 -8.71 -5.81
N SER A 6 -3.33 -8.09 -5.88
CA SER A 6 -2.33 -8.21 -4.83
C SER A 6 -1.48 -6.96 -4.73
N CYS A 7 -0.35 -7.07 -4.05
CA CYS A 7 0.57 -5.95 -3.88
C CYS A 7 1.56 -5.88 -5.05
N PRO A 8 1.88 -4.66 -5.52
CA PRO A 8 2.82 -4.48 -6.64
C PRO A 8 4.20 -5.04 -6.34
N ASP A 9 5.02 -5.17 -7.36
CA ASP A 9 6.37 -5.71 -7.20
C ASP A 9 7.41 -4.60 -7.39
N MET A 10 7.25 -3.51 -6.66
CA MET A 10 8.17 -2.39 -6.75
C MET A 10 9.10 -2.35 -5.53
N SER A 11 9.83 -1.25 -5.38
CA SER A 11 10.75 -1.10 -4.26
C SER A 11 11.84 -2.17 -4.30
N MET A 12 12.79 -2.08 -3.37
CA MET A 12 13.88 -3.04 -3.29
C MET A 12 14.82 -2.70 -2.13
N PRO A 13 15.31 -1.45 -2.07
CA PRO A 13 16.22 -1.02 -1.00
C PRO A 13 15.59 -1.15 0.38
N ILE A 14 16.41 -1.06 1.42
CA ILE A 14 15.93 -1.17 2.79
C ILE A 14 16.25 0.09 3.58
N PRO A 15 15.56 1.20 3.26
CA PRO A 15 15.77 2.49 3.94
C PRO A 15 15.21 2.49 5.36
N PRO A 16 16.08 2.60 6.37
CA PRO A 16 15.66 2.62 7.78
C PRO A 16 14.90 3.90 8.14
N LEU A 17 15.21 4.98 7.42
CA LEU A 17 14.56 6.26 7.66
C LEU A 17 13.08 6.22 7.32
N GLY A 18 12.26 6.87 8.12
CA GLY A 18 10.83 6.89 7.88
C GLY A 18 10.48 7.47 6.53
N ILE A 19 10.25 8.77 6.49
CA ILE A 19 9.91 9.46 5.25
C ILE A 19 8.46 9.19 4.84
N CYS A 20 7.71 8.51 5.71
CA CYS A 20 6.32 8.19 5.42
C CYS A 20 5.56 7.87 6.70
N LYS A 21 4.27 7.60 6.57
CA LYS A 21 3.43 7.29 7.72
C LYS A 21 2.43 6.19 7.37
N THR A 22 1.98 5.46 8.39
CA THR A 22 1.01 4.38 8.19
C THR A 22 -0.42 4.90 8.29
N LEU A 23 -1.28 4.39 7.42
CA LEU A 23 -2.68 4.81 7.41
C LEU A 23 -3.62 3.61 7.46
N CYS A 24 -3.26 2.54 6.73
CA CYS A 24 -4.08 1.34 6.69
C CYS A 24 -3.38 0.19 7.40
N ASN A 25 -4.11 -0.92 7.56
CA ASN A 25 -3.57 -2.11 8.23
C ASN A 25 -3.89 -3.37 7.44
N SER A 26 -4.44 -3.22 6.24
CA SER A 26 -4.79 -4.36 5.39
C SER A 26 -5.63 -3.91 4.21
N ASP A 27 -5.84 -4.83 3.26
CA ASP A 27 -6.62 -4.54 2.08
C ASP A 27 -8.00 -4.00 2.45
N SER A 28 -8.69 -4.72 3.34
CA SER A 28 -10.02 -4.30 3.79
C SER A 28 -9.96 -2.94 4.46
N GLY A 29 -8.77 -2.57 4.95
CA GLY A 29 -8.60 -1.29 5.60
C GLY A 29 -8.49 -0.15 4.61
N CYS A 30 -7.90 -0.44 3.46
CA CYS A 30 -7.73 0.57 2.42
C CYS A 30 -9.05 0.93 1.77
N PRO A 31 -9.24 2.21 1.42
CA PRO A 31 -10.47 2.69 0.82
C PRO A 31 -10.62 2.24 -0.64
N ASN A 32 -11.77 2.57 -1.23
CA ASN A 32 -12.07 2.22 -2.61
C ASN A 32 -11.72 0.76 -2.91
N VAL A 33 -10.53 0.53 -3.46
CA VAL A 33 -10.09 -0.82 -3.79
C VAL A 33 -8.57 -0.92 -3.74
N GLN A 34 -7.95 0.06 -3.09
CA GLN A 34 -6.50 0.10 -2.96
C GLN A 34 -6.02 -0.95 -1.98
N LYS A 35 -4.86 -1.54 -2.27
CA LYS A 35 -4.29 -2.57 -1.43
C LYS A 35 -3.38 -1.93 -0.38
N CYS A 36 -3.30 -2.56 0.78
CA CYS A 36 -2.46 -2.03 1.85
C CYS A 36 -1.12 -2.76 1.91
N CYS A 37 -0.08 -2.11 1.42
CA CYS A 37 1.25 -2.70 1.41
C CYS A 37 2.26 -1.79 2.10
N LYS A 38 3.53 -2.17 2.05
CA LYS A 38 4.59 -1.39 2.68
C LYS A 38 5.06 -0.27 1.76
N ASN A 39 4.61 -0.29 0.51
CA ASN A 39 5.00 0.73 -0.46
C ASN A 39 6.49 0.65 -0.78
N GLY A 40 7.32 1.06 0.17
CA GLY A 40 8.76 1.02 -0.02
C GLY A 40 9.52 1.42 1.22
N CYS A 41 9.37 2.67 1.64
CA CYS A 41 10.05 3.18 2.81
C CYS A 41 9.65 2.39 4.05
N GLY A 42 8.35 2.13 4.20
CA GLY A 42 7.86 1.39 5.34
C GLY A 42 6.42 1.70 5.67
N PHE A 43 5.99 1.36 6.88
CA PHE A 43 4.62 1.62 7.31
C PHE A 43 3.62 0.91 6.40
N MET A 44 2.33 1.13 6.66
CA MET A 44 1.29 0.51 5.86
C MET A 44 0.43 1.57 5.18
N THR A 45 0.56 1.68 3.86
CA THR A 45 -0.20 2.66 3.09
C THR A 45 -1.00 1.97 1.98
N CYS A 46 -1.79 2.76 1.26
CA CYS A 46 -2.61 2.24 0.17
C CYS A 46 -1.92 2.43 -1.17
N THR A 47 -2.10 1.46 -2.05
CA THR A 47 -1.48 1.50 -3.38
C THR A 47 -2.44 0.98 -4.44
N THR A 48 -2.06 1.13 -5.70
CA THR A 48 -2.87 0.67 -6.82
C THR A 48 -2.77 -0.85 -6.96
N PRO A 49 -3.90 -1.57 -6.81
CA PRO A 49 -3.92 -3.04 -6.93
C PRO A 49 -3.29 -3.53 -8.22
N VAL A 50 -2.45 -4.56 -8.11
CA VAL A 50 -1.78 -5.13 -9.27
C VAL A 50 -2.36 -6.50 -9.63
N PRO A 51 -2.60 -6.75 -10.92
CA PRO A 51 -3.16 -8.03 -11.38
C PRO A 51 -2.14 -9.16 -11.30
N ASN A 1 -8.43 -13.96 1.58
CA ASN A 1 -7.41 -13.01 2.11
C ASN A 1 -6.93 -12.06 1.03
N GLU A 2 -7.84 -11.22 0.53
CA GLU A 2 -7.53 -10.26 -0.52
C GLU A 2 -8.80 -9.69 -1.13
N LYS A 3 -8.66 -8.60 -1.86
CA LYS A 3 -9.80 -7.96 -2.51
C LYS A 3 -9.97 -8.47 -3.93
N SER A 4 -8.94 -8.32 -4.74
CA SER A 4 -8.97 -8.77 -6.14
C SER A 4 -7.59 -9.16 -6.63
N GLY A 5 -6.67 -8.20 -6.62
CA GLY A 5 -5.31 -8.47 -7.07
C GLY A 5 -4.36 -8.71 -5.91
N SER A 6 -3.21 -8.07 -5.97
CA SER A 6 -2.20 -8.22 -4.93
C SER A 6 -1.37 -6.94 -4.79
N CYS A 7 -0.24 -7.05 -4.09
CA CYS A 7 0.64 -5.92 -3.88
C CYS A 7 1.60 -5.75 -5.07
N PRO A 8 1.85 -4.49 -5.49
CA PRO A 8 2.75 -4.20 -6.62
C PRO A 8 4.17 -4.71 -6.36
N ASP A 9 4.96 -4.81 -7.43
CA ASP A 9 6.34 -5.27 -7.33
C ASP A 9 7.30 -4.10 -7.23
N MET A 10 7.03 -3.05 -8.01
CA MET A 10 7.87 -1.87 -8.02
C MET A 10 7.02 -0.59 -8.07
N SER A 11 6.04 -0.59 -8.98
CA SER A 11 5.16 0.55 -9.15
C SER A 11 4.69 1.10 -7.80
N MET A 12 4.66 2.43 -7.68
CA MET A 12 4.23 3.08 -6.45
C MET A 12 3.98 4.56 -6.67
N PRO A 13 2.71 4.99 -6.67
CA PRO A 13 2.35 6.40 -6.89
C PRO A 13 3.15 7.34 -5.97
N ILE A 14 4.12 8.03 -6.55
CA ILE A 14 4.96 8.96 -5.81
C ILE A 14 4.13 9.86 -4.88
N PRO A 15 4.11 9.55 -3.57
CA PRO A 15 3.36 10.33 -2.58
C PRO A 15 4.18 11.46 -1.99
N PRO A 16 3.89 12.72 -2.38
CA PRO A 16 4.61 13.89 -1.87
C PRO A 16 4.21 14.24 -0.43
N LEU A 17 2.98 13.93 -0.07
CA LEU A 17 2.48 14.21 1.27
C LEU A 17 3.01 13.20 2.28
N GLY A 18 4.27 13.38 2.68
CA GLY A 18 4.88 12.48 3.64
C GLY A 18 4.83 11.03 3.21
N ILE A 19 5.94 10.51 2.71
CA ILE A 19 6.02 9.14 2.26
C ILE A 19 6.57 8.24 3.36
N CYS A 20 5.74 7.95 4.37
CA CYS A 20 6.14 7.10 5.48
C CYS A 20 4.99 6.89 6.45
N LYS A 21 4.22 7.95 6.69
CA LYS A 21 3.08 7.89 7.60
C LYS A 21 2.13 6.76 7.22
N THR A 22 1.68 6.00 8.21
CA THR A 22 0.77 4.89 8.00
C THR A 22 -0.66 5.39 7.82
N LEU A 23 -1.56 4.49 7.42
CA LEU A 23 -2.96 4.85 7.22
C LEU A 23 -3.85 3.62 7.21
N CYS A 24 -3.40 2.56 6.53
CA CYS A 24 -4.16 1.32 6.44
C CYS A 24 -3.50 0.21 7.26
N ASN A 25 -4.26 -0.85 7.51
CA ASN A 25 -3.76 -1.99 8.26
C ASN A 25 -3.98 -3.29 7.50
N SER A 26 -4.50 -3.19 6.28
CA SER A 26 -4.76 -4.34 5.44
C SER A 26 -5.60 -3.96 4.22
N ASP A 27 -5.78 -4.90 3.31
CA ASP A 27 -6.56 -4.66 2.10
C ASP A 27 -7.94 -4.12 2.46
N SER A 28 -8.54 -4.68 3.49
CA SER A 28 -9.86 -4.25 3.93
C SER A 28 -9.78 -2.85 4.54
N GLY A 29 -8.59 -2.46 4.97
CA GLY A 29 -8.40 -1.15 5.57
C GLY A 29 -8.39 -0.05 4.53
N CYS A 30 -7.79 -0.33 3.39
CA CYS A 30 -7.71 0.64 2.30
C CYS A 30 -9.06 0.84 1.64
N PRO A 31 -9.31 2.07 1.14
CA PRO A 31 -10.58 2.40 0.52
C PRO A 31 -10.64 2.03 -0.96
N ASN A 32 -11.77 2.36 -1.58
CA ASN A 32 -11.98 2.07 -3.00
C ASN A 32 -11.52 0.66 -3.38
N VAL A 33 -10.29 0.54 -3.86
CA VAL A 33 -9.74 -0.74 -4.26
C VAL A 33 -8.25 -0.81 -3.95
N GLN A 34 -7.71 0.26 -3.36
CA GLN A 34 -6.31 0.33 -3.02
C GLN A 34 -5.95 -0.75 -2.02
N LYS A 35 -4.76 -1.35 -2.20
CA LYS A 35 -4.30 -2.39 -1.33
C LYS A 35 -3.47 -1.82 -0.19
N CYS A 36 -3.17 -2.64 0.80
CA CYS A 36 -2.39 -2.19 1.95
C CYS A 36 -1.05 -2.92 1.99
N CYS A 37 0.00 -2.24 1.53
CA CYS A 37 1.34 -2.82 1.50
C CYS A 37 2.34 -1.94 2.22
N LYS A 38 3.61 -2.33 2.16
CA LYS A 38 4.68 -1.58 2.81
C LYS A 38 5.61 -0.97 1.77
N ASN A 39 5.05 -0.14 0.89
CA ASN A 39 5.83 0.51 -0.16
C ASN A 39 6.81 1.52 0.44
N GLY A 40 8.03 1.52 -0.07
CA GLY A 40 9.04 2.44 0.43
C GLY A 40 9.28 2.30 1.92
N CYS A 41 8.65 3.17 2.70
CA CYS A 41 8.80 3.14 4.15
C CYS A 41 8.41 1.79 4.72
N GLY A 42 8.63 1.61 6.01
CA GLY A 42 8.30 0.35 6.66
C GLY A 42 6.99 0.43 7.44
N PHE A 43 5.94 0.90 6.78
CA PHE A 43 4.64 1.02 7.40
C PHE A 43 3.56 0.39 6.53
N MET A 44 2.29 0.65 6.88
CA MET A 44 1.17 0.10 6.12
C MET A 44 0.39 1.21 5.42
N THR A 45 0.77 1.49 4.18
CA THR A 45 0.11 2.52 3.40
C THR A 45 -0.69 1.91 2.25
N CYS A 46 -1.54 2.72 1.62
CA CYS A 46 -2.36 2.23 0.51
C CYS A 46 -1.66 2.41 -0.82
N THR A 47 -1.89 1.48 -1.72
CA THR A 47 -1.29 1.51 -3.05
C THR A 47 -2.29 1.07 -4.11
N THR A 48 -1.82 0.97 -5.35
CA THR A 48 -2.67 0.54 -6.46
C THR A 48 -2.77 -0.97 -6.52
N PRO A 49 -3.98 -1.51 -6.77
CA PRO A 49 -4.19 -2.96 -6.84
C PRO A 49 -3.59 -3.57 -8.11
N VAL A 50 -2.93 -4.71 -7.95
CA VAL A 50 -2.30 -5.39 -9.08
C VAL A 50 -3.11 -6.61 -9.51
N PRO A 51 -3.86 -6.49 -10.62
CA PRO A 51 -4.69 -7.59 -11.13
C PRO A 51 -3.90 -8.89 -11.27
#